data_6VQT
#
_entry.id   6VQT
#
_cell.length_a   1.00
_cell.length_b   1.00
_cell.length_c   1.00
_cell.angle_alpha   90.00
_cell.angle_beta   90.00
_cell.angle_gamma   90.00
#
_symmetry.space_group_name_H-M   'P 1'
#
loop_
_entity.id
_entity.type
_entity.pdbx_description
1 polymer 'ATM1-type heavy metal exporter'
2 non-polymer "ADENOSINE-5'-DIPHOSPHATE"
3 non-polymer 'VANADATE ION'
4 non-polymer 'MAGNESIUM ION'
#
_entity_poly.entity_id   1
_entity_poly.type   'polypeptide(L)'
_entity_poly.pdbx_seq_one_letter_code
;MPPETATNPKDARHDGWQTLKRFLPYLWPADNAVLRRRVVGAILMVLLGKATTLALPFAYKKAVDAMTLGGGAQPALTVA
LAFVLAYALGRFSGVLFDNLRNIVFERVGQDATRHLAENVFARLHKLSLRFHLARRTGEVTKVIERGTKSIDTMLYFLLF
NIAPTVIELTAVIVIFWLNFGLGLVTATILAVIAYVWTTRTITEWRTHLREKMNRLDGQALARAVDSLLNYETVKYFGAE
SREEARYASAARAYADAAVKSENSLGLLNIAQALIVNLLMAGAMAWTVYGWSQGKLTVGDLVFVNTYLTQLFRPLDMLGM
VYRTIRQGLIDMAEMFRLIDTHIEVADVPNAPALVVNRPSVTFDNVVFGYDRDREILHGLSFEVAAGSRVAIVGPSGAGK
STIARLLFRFYDPWEGRILIDGQDIAHVTQTSLRAALGIVPQDSVLFNDTIGYNIAYGRDGASRAEVDAAAKGAAIADFI
ARLPQGYDTEVGERGLKLSGGEKQRVAIARTLVKNPPILLFDEATSALDTRTEQDILSTMRAVASHRTTISIAHRLSTIA
DSDTILVLDQGRLAEQGSHLDLLRRDGLYAEMWARQAAESAEVSEAAEHHHHHH
;
_entity_poly.pdbx_strand_id   A,B
#
# COMPACT_ATOMS: atom_id res chain seq x y z
N ASP A 15 -25.36 -0.44 1.69
CA ASP A 15 -25.18 -0.79 0.29
C ASP A 15 -24.61 0.39 -0.49
N GLY A 16 -24.52 0.23 -1.81
CA GLY A 16 -24.00 1.30 -2.65
C GLY A 16 -24.82 2.57 -2.61
N TRP A 17 -26.14 2.45 -2.47
CA TRP A 17 -26.99 3.63 -2.47
C TRP A 17 -26.65 4.55 -1.31
N GLN A 18 -26.39 3.98 -0.14
CA GLN A 18 -26.05 4.81 1.01
C GLN A 18 -24.72 5.50 0.77
N THR A 19 -23.76 4.78 0.19
CA THR A 19 -22.45 5.36 -0.08
C THR A 19 -22.56 6.55 -1.02
N LEU A 20 -23.31 6.39 -2.12
CA LEU A 20 -23.45 7.50 -3.05
C LEU A 20 -24.16 8.68 -2.42
N LYS A 21 -25.19 8.42 -1.61
CA LYS A 21 -25.88 9.53 -0.95
C LYS A 21 -24.93 10.27 -0.02
N ARG A 22 -24.04 9.54 0.65
CA ARG A 22 -23.04 10.18 1.50
C ARG A 22 -22.04 10.99 0.67
N PHE A 23 -21.66 10.48 -0.51
CA PHE A 23 -20.67 11.18 -1.30
C PHE A 23 -21.21 12.42 -2.00
N LEU A 24 -22.52 12.52 -2.17
CA LEU A 24 -23.11 13.57 -3.00
C LEU A 24 -22.86 15.02 -2.55
N PRO A 25 -22.87 15.33 -1.25
CA PRO A 25 -22.53 16.71 -0.82
C PRO A 25 -21.18 17.24 -1.26
N TYR A 26 -20.19 16.38 -1.46
CA TYR A 26 -18.86 16.82 -1.91
C TYR A 26 -18.89 17.37 -3.32
N LEU A 27 -19.73 16.82 -4.19
CA LEU A 27 -19.82 17.28 -5.55
C LEU A 27 -20.46 18.65 -5.66
N TRP A 28 -21.37 19.04 -4.76
CA TRP A 28 -22.02 20.33 -4.88
C TRP A 28 -21.78 21.24 -3.68
N PRO A 29 -20.55 21.73 -3.53
CA PRO A 29 -20.11 22.33 -2.26
C PRO A 29 -20.96 23.53 -1.92
N ALA A 30 -20.95 23.96 -0.67
CA ALA A 30 -21.80 25.07 -0.33
C ALA A 30 -21.01 26.36 -0.25
N ASP A 31 -19.75 26.30 -0.66
CA ASP A 31 -18.81 27.41 -0.77
C ASP A 31 -18.22 27.36 -2.17
N ASN A 32 -17.19 28.17 -2.40
CA ASN A 32 -16.56 28.30 -3.72
C ASN A 32 -17.59 28.54 -4.83
N ALA A 33 -18.20 29.72 -4.79
CA ALA A 33 -19.23 30.12 -5.75
C ALA A 33 -18.83 29.85 -7.20
N VAL A 34 -17.52 29.82 -7.49
CA VAL A 34 -17.00 29.56 -8.83
C VAL A 34 -17.19 28.11 -9.25
N LEU A 35 -16.88 27.15 -8.38
CA LEU A 35 -17.02 25.75 -8.74
C LEU A 35 -18.48 25.33 -8.98
N ARG A 36 -19.42 25.92 -8.27
CA ARG A 36 -20.84 25.54 -8.45
C ARG A 36 -21.35 25.83 -9.86
N ARG A 37 -20.99 26.95 -10.46
CA ARG A 37 -21.37 27.28 -11.83
C ARG A 37 -20.90 26.24 -12.86
N ARG A 38 -19.68 25.74 -12.70
CA ARG A 38 -19.16 24.74 -13.65
C ARG A 38 -20.01 23.48 -13.72
N VAL A 39 -20.57 23.04 -12.59
CA VAL A 39 -21.40 21.84 -12.62
C VAL A 39 -22.63 22.08 -13.50
N VAL A 40 -23.26 23.24 -13.36
CA VAL A 40 -24.43 23.56 -14.17
C VAL A 40 -24.05 23.58 -15.64
N GLY A 41 -22.93 24.24 -15.96
CA GLY A 41 -22.52 24.31 -17.36
C GLY A 41 -22.29 22.92 -17.94
N ALA A 42 -21.67 22.04 -17.15
CA ALA A 42 -21.41 20.68 -17.62
C ALA A 42 -22.72 19.94 -17.91
N ILE A 43 -23.71 20.10 -17.03
CA ILE A 43 -25.00 19.47 -17.25
C ILE A 43 -25.66 19.99 -18.52
N LEU A 44 -25.52 21.29 -18.79
CA LEU A 44 -26.06 21.82 -20.04
C LEU A 44 -25.37 21.22 -21.24
N MET A 45 -24.05 21.03 -21.17
CA MET A 45 -23.34 20.41 -22.30
C MET A 45 -23.84 18.99 -22.52
N VAL A 46 -24.01 18.23 -21.44
CA VAL A 46 -24.59 16.88 -21.53
C VAL A 46 -25.90 16.92 -22.30
N LEU A 47 -26.76 17.88 -21.96
CA LEU A 47 -28.07 17.95 -22.58
C LEU A 47 -27.97 18.23 -24.08
N LEU A 48 -27.14 19.19 -24.47
CA LEU A 48 -26.97 19.46 -25.90
C LEU A 48 -26.46 18.22 -26.64
N GLY A 49 -25.49 17.52 -26.07
CA GLY A 49 -24.95 16.35 -26.74
C GLY A 49 -26.01 15.28 -26.95
N LYS A 50 -26.85 15.07 -25.94
CA LYS A 50 -27.92 14.08 -26.08
C LYS A 50 -28.92 14.51 -27.14
N ALA A 51 -29.29 15.79 -27.15
CA ALA A 51 -30.25 16.26 -28.15
C ALA A 51 -29.74 16.04 -29.58
N THR A 52 -28.46 16.34 -29.83
CA THR A 52 -27.93 16.16 -31.19
C THR A 52 -27.93 14.68 -31.59
N THR A 53 -27.43 13.81 -30.71
CA THR A 53 -27.37 12.39 -31.04
C THR A 53 -28.76 11.79 -31.17
N LEU A 54 -29.74 12.35 -30.47
CA LEU A 54 -31.13 11.93 -30.63
C LEU A 54 -31.71 12.38 -31.96
N ALA A 55 -31.32 13.57 -32.41
CA ALA A 55 -31.84 14.12 -33.66
C ALA A 55 -31.38 13.36 -34.89
N LEU A 56 -30.10 12.94 -34.94
CA LEU A 56 -29.57 12.41 -36.20
C LEU A 56 -30.24 11.19 -36.85
N PRO A 57 -30.88 10.26 -36.14
CA PRO A 57 -31.58 9.19 -36.85
C PRO A 57 -32.82 9.62 -37.60
N PHE A 58 -33.55 10.63 -37.13
CA PHE A 58 -34.69 11.11 -37.91
C PHE A 58 -34.22 11.63 -39.26
N ALA A 59 -33.09 12.35 -39.26
CA ALA A 59 -32.49 12.83 -40.50
C ALA A 59 -32.05 11.68 -41.39
N TYR A 60 -31.61 10.57 -40.79
CA TYR A 60 -31.19 9.44 -41.62
C TYR A 60 -32.41 8.76 -42.23
N LYS A 61 -33.47 8.58 -41.45
CA LYS A 61 -34.67 7.93 -41.98
C LYS A 61 -35.19 8.71 -43.16
N LYS A 62 -35.27 10.04 -43.01
CA LYS A 62 -35.83 10.82 -44.10
C LYS A 62 -34.90 10.79 -45.32
N ALA A 63 -33.58 10.78 -45.08
CA ALA A 63 -32.64 10.69 -46.19
C ALA A 63 -32.85 9.42 -46.99
N VAL A 64 -33.16 8.32 -46.30
CA VAL A 64 -33.47 7.06 -46.98
C VAL A 64 -34.80 7.17 -47.72
N ASP A 65 -35.79 7.79 -47.08
CA ASP A 65 -37.11 7.94 -47.69
C ASP A 65 -37.03 8.70 -49.01
N ALA A 66 -36.23 9.77 -49.04
CA ALA A 66 -36.10 10.57 -50.26
C ALA A 66 -35.52 9.78 -51.43
N MET A 67 -34.51 8.94 -51.16
CA MET A 67 -33.84 8.26 -52.27
C MET A 67 -34.78 7.35 -53.03
N THR A 68 -35.60 6.58 -52.33
CA THR A 68 -36.60 5.72 -52.96
C THR A 68 -37.87 6.51 -53.19
N LEU A 69 -38.61 6.11 -54.23
CA LEU A 69 -39.92 6.66 -54.55
C LEU A 69 -39.82 8.18 -54.76
N GLY A 70 -39.14 8.52 -55.86
CA GLY A 70 -39.02 9.90 -56.31
C GLY A 70 -38.44 10.91 -55.33
N GLY A 71 -38.37 12.17 -55.78
CA GLY A 71 -37.80 13.25 -55.00
C GLY A 71 -38.57 14.53 -55.31
N GLY A 72 -38.16 15.62 -54.65
CA GLY A 72 -38.92 16.84 -54.89
C GLY A 72 -38.30 17.83 -55.86
N ALA A 73 -36.98 18.00 -55.83
CA ALA A 73 -36.38 18.92 -56.79
C ALA A 73 -35.68 18.14 -57.89
N GLN A 74 -34.61 17.50 -57.46
CA GLN A 74 -33.79 16.58 -58.21
C GLN A 74 -33.87 15.23 -57.53
N PRO A 75 -33.58 14.13 -58.24
CA PRO A 75 -33.73 12.82 -57.58
C PRO A 75 -32.79 12.62 -56.41
N ALA A 76 -31.48 12.70 -56.60
CA ALA A 76 -30.54 12.52 -55.51
C ALA A 76 -29.31 13.41 -55.57
N LEU A 77 -29.17 14.26 -56.58
CA LEU A 77 -28.03 15.17 -56.68
C LEU A 77 -27.84 16.04 -55.43
N THR A 78 -28.93 16.64 -54.93
CA THR A 78 -28.83 17.54 -53.78
C THR A 78 -29.36 16.98 -52.46
N VAL A 79 -30.52 16.31 -52.47
CA VAL A 79 -31.11 15.83 -51.22
C VAL A 79 -30.23 14.78 -50.53
N ALA A 80 -29.74 13.79 -51.28
CA ALA A 80 -28.91 12.78 -50.66
C ALA A 80 -27.61 13.34 -50.12
N LEU A 81 -26.95 14.22 -50.88
CA LEU A 81 -25.72 14.84 -50.39
C LEU A 81 -25.97 15.62 -49.11
N ALA A 82 -26.99 16.47 -49.11
CA ALA A 82 -27.27 17.28 -47.94
C ALA A 82 -27.51 16.43 -46.70
N PHE A 83 -28.31 15.38 -46.84
CA PHE A 83 -28.63 14.57 -45.66
C PHE A 83 -27.44 13.73 -45.18
N VAL A 84 -26.63 13.17 -46.09
CA VAL A 84 -25.45 12.43 -45.64
C VAL A 84 -24.47 13.35 -44.91
N LEU A 85 -24.24 14.55 -45.43
CA LEU A 85 -23.36 15.47 -44.72
C LEU A 85 -23.94 15.88 -43.38
N ALA A 86 -25.26 16.06 -43.30
CA ALA A 86 -25.87 16.38 -42.02
C ALA A 86 -25.65 15.27 -41.01
N TYR A 87 -25.70 14.02 -41.47
CA TYR A 87 -25.50 12.88 -40.59
C TYR A 87 -24.07 12.84 -40.05
N ALA A 88 -23.08 12.97 -40.93
CA ALA A 88 -21.69 12.94 -40.51
C ALA A 88 -21.38 14.08 -39.53
N LEU A 89 -21.79 15.31 -39.90
CA LEU A 89 -21.55 16.44 -39.02
C LEU A 89 -22.21 16.27 -37.67
N GLY A 90 -23.38 15.61 -37.64
CA GLY A 90 -24.02 15.38 -36.35
C GLY A 90 -23.21 14.46 -35.47
N ARG A 91 -22.70 13.37 -36.05
CA ARG A 91 -21.94 12.42 -35.25
C ARG A 91 -20.72 13.11 -34.65
N PHE A 92 -19.98 13.82 -35.50
CA PHE A 92 -18.80 14.54 -35.03
C PHE A 92 -19.16 15.53 -33.93
N SER A 93 -20.30 16.23 -34.07
CA SER A 93 -20.68 17.23 -33.09
C SER A 93 -20.98 16.59 -31.74
N GLY A 94 -21.58 15.40 -31.77
CA GLY A 94 -21.86 14.71 -30.52
C GLY A 94 -20.59 14.35 -29.78
N VAL A 95 -19.62 13.81 -30.52
CA VAL A 95 -18.34 13.47 -29.89
C VAL A 95 -17.71 14.73 -29.30
N LEU A 96 -17.77 15.84 -30.04
CA LEU A 96 -17.15 17.08 -29.59
C LEU A 96 -17.77 17.55 -28.28
N PHE A 97 -19.10 17.53 -28.19
CA PHE A 97 -19.75 17.94 -26.94
C PHE A 97 -19.32 17.05 -25.78
N ASP A 98 -19.20 15.75 -26.02
CA ASP A 98 -18.85 14.83 -24.94
C ASP A 98 -17.46 15.18 -24.39
N ASN A 99 -16.48 15.35 -25.28
CA ASN A 99 -15.15 15.69 -24.79
C ASN A 99 -15.13 17.05 -24.12
N LEU A 100 -15.97 17.98 -24.58
CA LEU A 100 -16.03 19.29 -23.93
C LEU A 100 -16.60 19.20 -22.52
N ARG A 101 -17.58 18.33 -22.29
CA ARG A 101 -18.08 18.19 -20.92
C ARG A 101 -17.01 17.60 -20.02
N ASN A 102 -16.22 16.66 -20.54
CA ASN A 102 -15.18 16.07 -19.70
C ASN A 102 -14.17 17.14 -19.29
N ILE A 103 -13.73 17.94 -20.27
CA ILE A 103 -12.72 18.96 -19.99
C ILE A 103 -13.25 19.96 -18.96
N VAL A 104 -14.49 20.43 -19.12
CA VAL A 104 -15.02 21.39 -18.17
C VAL A 104 -15.16 20.81 -16.76
N PHE A 105 -15.64 19.57 -16.64
CA PHE A 105 -15.91 18.94 -15.35
C PHE A 105 -14.69 18.52 -14.51
N GLU A 106 -13.56 18.16 -15.13
CA GLU A 106 -12.47 17.49 -14.39
C GLU A 106 -11.98 18.20 -13.11
N ARG A 107 -11.97 19.54 -13.08
CA ARG A 107 -11.54 20.28 -11.89
C ARG A 107 -12.42 20.03 -10.66
N VAL A 108 -13.73 19.93 -10.84
CA VAL A 108 -14.60 19.72 -9.67
C VAL A 108 -14.26 18.39 -9.01
N GLY A 109 -14.05 17.35 -9.81
CA GLY A 109 -13.73 16.05 -9.27
C GLY A 109 -12.43 16.08 -8.51
N GLN A 110 -11.40 16.69 -9.11
CA GLN A 110 -10.11 16.73 -8.44
C GLN A 110 -10.22 17.43 -7.08
N ASP A 111 -11.01 18.51 -7.01
CA ASP A 111 -11.13 19.22 -5.74
C ASP A 111 -11.86 18.37 -4.71
N ALA A 112 -12.91 17.67 -5.14
CA ALA A 112 -13.70 16.87 -4.23
C ALA A 112 -12.85 15.78 -3.60
N THR A 113 -12.09 15.06 -4.43
CA THR A 113 -11.27 13.99 -3.86
C THR A 113 -10.15 14.54 -2.98
N ARG A 114 -9.61 15.72 -3.30
CA ARG A 114 -8.58 16.27 -2.42
C ARG A 114 -9.14 16.55 -1.02
N HIS A 115 -10.34 17.13 -0.95
CA HIS A 115 -10.92 17.38 0.37
C HIS A 115 -11.25 16.09 1.11
N LEU A 116 -11.71 15.07 0.39
CA LEU A 116 -11.96 13.80 1.08
C LEU A 116 -10.67 13.23 1.68
N ALA A 117 -9.58 13.25 0.91
CA ALA A 117 -8.32 12.74 1.44
C ALA A 117 -7.86 13.53 2.67
N GLU A 118 -7.97 14.86 2.62
CA GLU A 118 -7.52 15.66 3.76
C GLU A 118 -8.33 15.37 5.00
N ASN A 119 -9.65 15.21 4.84
CA ASN A 119 -10.49 14.89 5.99
C ASN A 119 -10.12 13.55 6.59
N VAL A 120 -9.89 12.54 5.76
CA VAL A 120 -9.54 11.24 6.33
C VAL A 120 -8.21 11.31 7.09
N PHE A 121 -7.23 12.03 6.54
CA PHE A 121 -5.94 12.11 7.23
C PHE A 121 -6.07 12.77 8.59
N ALA A 122 -6.79 13.90 8.64
CA ALA A 122 -7.00 14.59 9.91
C ALA A 122 -7.71 13.69 10.92
N ARG A 123 -8.76 13.00 10.48
CA ARG A 123 -9.49 12.15 11.41
C ARG A 123 -8.59 11.03 11.95
N LEU A 124 -7.76 10.44 11.09
CA LEU A 124 -6.87 9.38 11.56
C LEU A 124 -5.88 9.88 12.60
N HIS A 125 -5.39 11.12 12.46
CA HIS A 125 -4.54 11.67 13.51
C HIS A 125 -5.29 11.99 14.81
N LYS A 126 -6.55 12.37 14.73
CA LYS A 126 -7.30 12.64 15.95
C LYS A 126 -7.69 11.41 16.78
N LEU A 127 -7.73 10.22 16.19
CA LEU A 127 -8.26 9.09 16.96
C LEU A 127 -7.28 8.63 18.05
N SER A 128 -7.79 7.76 18.93
CA SER A 128 -7.12 7.32 20.15
C SER A 128 -6.04 6.28 19.87
N LEU A 129 -5.02 6.26 20.74
CA LEU A 129 -3.94 5.29 20.58
C LEU A 129 -4.39 3.83 20.63
N ARG A 130 -5.47 3.50 21.35
CA ARG A 130 -5.71 2.07 21.47
C ARG A 130 -6.01 1.45 20.11
N PHE A 131 -6.41 2.28 19.14
CA PHE A 131 -6.57 1.89 17.75
C PHE A 131 -5.25 1.80 17.01
N HIS A 132 -4.19 2.38 17.57
CA HIS A 132 -2.86 2.21 17.03
C HIS A 132 -2.09 1.04 17.59
N LEU A 133 -2.47 0.51 18.76
CA LEU A 133 -1.62 -0.55 19.30
C LEU A 133 -1.74 -1.82 18.47
N ALA A 134 -2.95 -2.19 18.04
CA ALA A 134 -3.06 -3.33 17.12
C ALA A 134 -3.66 -2.86 15.79
N ARG A 135 -2.79 -2.54 14.83
CA ARG A 135 -3.18 -1.97 13.56
C ARG A 135 -2.13 -2.33 12.53
N ARG A 136 -2.51 -2.97 11.44
CA ARG A 136 -1.50 -3.39 10.47
C ARG A 136 -1.21 -2.24 9.50
N THR A 137 0.08 -2.06 9.20
CA THR A 137 0.54 -1.00 8.30
C THR A 137 -0.03 -1.14 6.90
N GLY A 138 -0.09 -2.38 6.41
CA GLY A 138 -0.56 -2.64 5.08
C GLY A 138 -2.01 -2.26 4.86
N GLU A 139 -2.87 -2.52 5.84
CA GLU A 139 -4.27 -2.20 5.66
C GLU A 139 -4.47 -0.69 5.50
N VAL A 140 -3.90 0.11 6.40
CA VAL A 140 -4.11 1.55 6.30
C VAL A 140 -3.52 2.12 5.00
N THR A 141 -2.28 1.74 4.65
CA THR A 141 -1.70 2.30 3.43
C THR A 141 -2.47 1.88 2.19
N LYS A 142 -2.88 0.61 2.12
CA LYS A 142 -3.65 0.12 1.00
C LYS A 142 -4.99 0.80 0.90
N VAL A 143 -5.68 0.98 2.02
CA VAL A 143 -6.98 1.62 1.99
C VAL A 143 -6.88 3.06 1.48
N ILE A 144 -5.93 3.86 1.97
CA ILE A 144 -5.92 5.23 1.44
C ILE A 144 -5.51 5.30 -0.04
N GLU A 145 -4.49 4.54 -0.47
CA GLU A 145 -4.14 4.56 -1.90
C GLU A 145 -5.31 4.09 -2.77
N ARG A 146 -5.86 2.93 -2.40
CA ARG A 146 -6.93 2.31 -3.16
C ARG A 146 -8.14 3.23 -3.22
N GLY A 147 -8.52 3.81 -2.09
CA GLY A 147 -9.67 4.69 -2.10
C GLY A 147 -9.52 5.92 -2.97
N THR A 148 -8.35 6.57 -2.96
CA THR A 148 -8.25 7.73 -3.85
C THR A 148 -8.41 7.31 -5.32
N LYS A 149 -7.70 6.27 -5.74
CA LYS A 149 -7.83 5.82 -7.14
C LYS A 149 -9.26 5.37 -7.44
N SER A 150 -9.86 4.70 -6.47
CA SER A 150 -11.21 4.15 -6.57
C SER A 150 -12.24 5.24 -6.78
N ILE A 151 -12.20 6.27 -5.95
CA ILE A 151 -13.22 7.31 -6.07
C ILE A 151 -13.08 8.03 -7.40
N ASP A 152 -11.86 8.25 -7.88
CA ASP A 152 -11.78 8.93 -9.17
C ASP A 152 -12.36 8.09 -10.31
N THR A 153 -11.93 6.82 -10.40
CA THR A 153 -12.43 5.96 -11.48
C THR A 153 -13.94 5.77 -11.39
N MET A 154 -14.45 5.44 -10.20
CA MET A 154 -15.87 5.16 -10.04
C MET A 154 -16.70 6.39 -10.34
N LEU A 155 -16.29 7.55 -9.84
CA LEU A 155 -17.10 8.73 -10.07
C LEU A 155 -17.24 9.03 -11.55
N TYR A 156 -16.12 8.99 -12.29
CA TYR A 156 -16.25 9.29 -13.72
C TYR A 156 -17.12 8.29 -14.47
N PHE A 157 -16.83 6.98 -14.32
CA PHE A 157 -17.62 5.98 -15.02
C PHE A 157 -19.09 5.97 -14.61
N LEU A 158 -19.36 6.07 -13.31
CA LEU A 158 -20.73 6.05 -12.78
C LEU A 158 -21.56 7.23 -13.26
N LEU A 159 -21.03 8.44 -13.09
CA LEU A 159 -21.75 9.66 -13.37
C LEU A 159 -21.97 9.92 -14.84
N PHE A 160 -21.03 9.56 -15.72
CA PHE A 160 -21.18 10.03 -17.08
C PHE A 160 -21.53 8.93 -18.07
N ASN A 161 -21.94 7.75 -17.60
CA ASN A 161 -22.41 6.70 -18.50
C ASN A 161 -23.69 6.02 -18.01
N ILE A 162 -24.50 6.68 -17.18
CA ILE A 162 -25.75 6.08 -16.71
C ILE A 162 -26.93 7.02 -16.94
N ALA A 163 -26.78 8.28 -16.53
CA ALA A 163 -27.87 9.26 -16.60
C ALA A 163 -28.31 9.53 -18.03
N PRO A 164 -27.42 9.81 -18.97
CA PRO A 164 -27.86 10.02 -20.35
C PRO A 164 -28.64 8.83 -20.90
N THR A 165 -28.27 7.60 -20.54
CA THR A 165 -29.04 6.47 -21.04
C THR A 165 -30.47 6.49 -20.51
N VAL A 166 -30.70 6.98 -19.29
CA VAL A 166 -32.06 7.12 -18.79
C VAL A 166 -32.80 8.21 -19.54
N ILE A 167 -32.12 9.32 -19.82
CA ILE A 167 -32.73 10.40 -20.60
C ILE A 167 -33.15 9.89 -21.97
N GLU A 168 -32.26 9.18 -22.65
CA GLU A 168 -32.56 8.62 -23.95
C GLU A 168 -33.69 7.61 -23.89
N LEU A 169 -33.77 6.81 -22.83
CA LEU A 169 -34.85 5.83 -22.78
C LEU A 169 -36.20 6.53 -22.65
N THR A 170 -36.27 7.57 -21.83
CA THR A 170 -37.54 8.28 -21.71
C THR A 170 -37.89 8.96 -23.03
N ALA A 171 -36.90 9.60 -23.66
CA ALA A 171 -37.14 10.29 -24.93
C ALA A 171 -37.63 9.32 -26.00
N VAL A 172 -37.01 8.15 -26.10
CA VAL A 172 -37.44 7.15 -27.08
C VAL A 172 -38.88 6.72 -26.80
N ILE A 173 -39.23 6.59 -25.52
CA ILE A 173 -40.61 6.23 -25.18
C ILE A 173 -41.56 7.29 -25.69
N VAL A 174 -41.19 8.55 -25.48
CA VAL A 174 -42.03 9.68 -25.93
C VAL A 174 -42.19 9.63 -27.44
N ILE A 175 -41.09 9.44 -28.16
CA ILE A 175 -41.12 9.44 -29.62
C ILE A 175 -42.00 8.30 -30.13
N PHE A 176 -41.86 7.11 -29.55
CA PHE A 176 -42.74 6.01 -29.95
C PHE A 176 -44.18 6.40 -29.70
N TRP A 177 -44.44 7.13 -28.62
CA TRP A 177 -45.80 7.54 -28.29
C TRP A 177 -46.35 8.40 -29.42
N LEU A 178 -45.60 9.45 -29.75
CA LEU A 178 -45.99 10.42 -30.77
C LEU A 178 -46.15 9.78 -32.15
N ASN A 179 -45.36 8.74 -32.49
CA ASN A 179 -45.29 8.29 -33.88
C ASN A 179 -45.94 6.94 -34.18
N PHE A 180 -46.49 6.22 -33.20
CA PHE A 180 -46.99 4.88 -33.49
C PHE A 180 -48.10 4.52 -32.52
N GLY A 181 -48.60 3.29 -32.65
CA GLY A 181 -49.48 2.71 -31.66
C GLY A 181 -48.70 2.02 -30.55
N LEU A 182 -49.34 1.86 -29.41
CA LEU A 182 -48.57 1.69 -28.19
C LEU A 182 -48.20 0.27 -27.86
N GLY A 183 -48.36 -0.70 -28.77
CA GLY A 183 -47.82 -2.02 -28.46
C GLY A 183 -46.33 -1.97 -28.24
N LEU A 184 -45.66 -1.03 -28.91
CA LEU A 184 -44.23 -0.83 -28.73
C LEU A 184 -43.92 -0.39 -27.31
N VAL A 185 -44.74 0.51 -26.78
CA VAL A 185 -44.56 1.01 -25.42
C VAL A 185 -44.65 -0.15 -24.43
N THR A 186 -45.68 -0.98 -24.56
CA THR A 186 -45.84 -2.11 -23.65
C THR A 186 -44.67 -3.06 -23.78
N ALA A 187 -44.19 -3.28 -25.00
CA ALA A 187 -43.08 -4.21 -25.19
C ALA A 187 -41.82 -3.71 -24.50
N THR A 188 -41.50 -2.42 -24.68
CA THR A 188 -40.32 -1.86 -24.02
C THR A 188 -40.47 -1.79 -22.50
N ILE A 189 -41.66 -1.47 -21.97
CA ILE A 189 -41.79 -1.43 -20.52
C ILE A 189 -41.60 -2.82 -19.94
N LEU A 190 -42.19 -3.84 -20.56
CA LEU A 190 -41.97 -5.19 -20.06
C LEU A 190 -40.49 -5.57 -20.15
N ALA A 191 -39.81 -5.10 -21.20
CA ALA A 191 -38.39 -5.42 -21.34
C ALA A 191 -37.57 -4.81 -20.20
N VAL A 192 -37.81 -3.54 -19.89
CA VAL A 192 -37.10 -2.91 -18.79
C VAL A 192 -37.39 -3.59 -17.46
N ILE A 193 -38.65 -3.96 -17.22
CA ILE A 193 -39.01 -4.60 -15.96
C ILE A 193 -38.27 -5.93 -15.81
N ALA A 194 -38.24 -6.72 -16.87
CA ALA A 194 -37.50 -7.98 -16.84
C ALA A 194 -36.02 -7.73 -16.60
N TYR A 195 -35.48 -6.70 -17.25
CA TYR A 195 -34.05 -6.42 -17.15
C TYR A 195 -33.66 -6.08 -15.72
N VAL A 196 -34.41 -5.19 -15.09
CA VAL A 196 -34.11 -4.82 -13.71
C VAL A 196 -34.23 -6.01 -12.78
N TRP A 197 -35.33 -6.78 -12.88
CA TRP A 197 -35.49 -7.88 -11.93
C TRP A 197 -34.36 -8.91 -12.05
N THR A 198 -34.02 -9.30 -13.28
CA THR A 198 -32.95 -10.28 -13.48
C THR A 198 -31.61 -9.76 -12.97
N THR A 199 -31.27 -8.51 -13.32
CA THR A 199 -29.99 -7.95 -12.90
C THR A 199 -29.88 -7.95 -11.37
N ARG A 200 -30.96 -7.58 -10.69
CA ARG A 200 -30.91 -7.49 -9.23
C ARG A 200 -30.68 -8.86 -8.61
N THR A 201 -31.48 -9.86 -8.99
CA THR A 201 -31.31 -11.16 -8.33
C THR A 201 -29.94 -11.78 -8.59
N ILE A 202 -29.42 -11.65 -9.81
CA ILE A 202 -28.07 -12.18 -10.04
C ILE A 202 -27.02 -11.43 -9.23
N THR A 203 -27.11 -10.08 -9.15
CA THR A 203 -26.10 -9.36 -8.39
C THR A 203 -26.14 -9.78 -6.93
N GLU A 204 -27.34 -10.08 -6.43
CA GLU A 204 -27.50 -10.53 -5.06
C GLU A 204 -26.72 -11.82 -4.83
N TRP A 205 -26.88 -12.78 -5.73
CA TRP A 205 -26.11 -14.02 -5.62
C TRP A 205 -24.59 -13.78 -5.62
N ARG A 206 -24.12 -12.96 -6.55
CA ARG A 206 -22.69 -12.61 -6.71
C ARG A 206 -22.00 -11.89 -5.53
N THR A 207 -22.71 -11.05 -4.79
CA THR A 207 -22.07 -10.24 -3.74
C THR A 207 -21.44 -11.02 -2.56
N HIS A 208 -22.04 -12.11 -2.09
CA HIS A 208 -21.37 -12.84 -1.00
C HIS A 208 -19.98 -13.35 -1.43
N LEU A 209 -19.87 -13.96 -2.61
CA LEU A 209 -18.57 -14.41 -3.08
C LEU A 209 -17.61 -13.25 -3.22
N ARG A 210 -18.11 -12.08 -3.65
CA ARG A 210 -17.23 -10.92 -3.78
C ARG A 210 -16.64 -10.53 -2.43
N GLU A 211 -17.46 -10.52 -1.38
CA GLU A 211 -16.99 -10.15 -0.06
C GLU A 211 -15.92 -11.12 0.44
N LYS A 212 -16.15 -12.42 0.22
CA LYS A 212 -15.16 -13.42 0.61
C LYS A 212 -13.83 -13.18 -0.07
N MET A 213 -13.86 -12.92 -1.38
CA MET A 213 -12.62 -12.69 -2.13
C MET A 213 -11.86 -11.50 -1.56
N ASN A 214 -12.56 -10.40 -1.28
CA ASN A 214 -11.86 -9.21 -0.81
C ASN A 214 -11.23 -9.42 0.56
N ARG A 215 -11.93 -10.13 1.45
CA ARG A 215 -11.35 -10.40 2.77
C ARG A 215 -10.10 -11.27 2.69
N LEU A 216 -10.12 -12.28 1.83
CA LEU A 216 -8.92 -13.11 1.69
C LEU A 216 -7.74 -12.31 1.14
N ASP A 217 -8.01 -11.43 0.16
CA ASP A 217 -6.93 -10.62 -0.39
C ASP A 217 -6.29 -9.75 0.69
N GLY A 218 -7.12 -9.09 1.50
CA GLY A 218 -6.56 -8.24 2.55
C GLY A 218 -5.70 -9.01 3.53
N GLN A 219 -6.14 -10.22 3.89
CA GLN A 219 -5.35 -11.01 4.85
C GLN A 219 -3.99 -11.39 4.26
N ALA A 220 -3.98 -11.81 2.99
CA ALA A 220 -2.71 -12.18 2.37
C ALA A 220 -1.75 -11.00 2.32
N LEU A 221 -2.24 -9.83 1.91
CA LEU A 221 -1.37 -8.66 1.83
C LEU A 221 -0.77 -8.31 3.19
N ALA A 222 -1.58 -8.38 4.26
CA ALA A 222 -1.04 -8.05 5.58
C ALA A 222 0.03 -9.03 6.01
N ARG A 223 -0.15 -10.31 5.70
CA ARG A 223 0.88 -11.30 6.04
C ARG A 223 2.18 -11.00 5.30
N ALA A 224 2.07 -10.71 4.01
CA ALA A 224 3.25 -10.39 3.21
C ALA A 224 3.99 -9.18 3.77
N VAL A 225 3.27 -8.13 4.15
CA VAL A 225 3.96 -6.93 4.63
C VAL A 225 4.66 -7.23 5.95
N ASP A 226 4.05 -8.02 6.83
CA ASP A 226 4.71 -8.34 8.10
C ASP A 226 6.00 -9.14 7.87
N SER A 227 5.97 -10.05 6.90
CA SER A 227 7.17 -10.80 6.57
C SER A 227 8.26 -9.86 6.08
N LEU A 228 7.91 -8.97 5.16
CA LEU A 228 8.90 -8.05 4.60
C LEU A 228 9.47 -7.14 5.68
N LEU A 229 8.62 -6.70 6.61
CA LEU A 229 9.03 -5.80 7.68
C LEU A 229 9.93 -6.48 8.71
N ASN A 230 9.98 -7.81 8.74
CA ASN A 230 10.82 -8.48 9.73
C ASN A 230 11.98 -9.24 9.06
N TYR A 231 12.59 -8.58 8.08
CA TYR A 231 13.66 -9.15 7.27
C TYR A 231 14.85 -9.62 8.11
N GLU A 232 15.27 -8.83 9.09
CA GLU A 232 16.44 -9.21 9.87
C GLU A 232 16.22 -10.55 10.55
N THR A 233 15.08 -10.69 11.23
CA THR A 233 14.77 -11.93 11.93
C THR A 233 14.57 -13.11 10.99
N VAL A 234 13.97 -12.90 9.82
CA VAL A 234 13.87 -14.00 8.87
C VAL A 234 15.25 -14.45 8.39
N LYS A 235 16.17 -13.51 8.18
CA LYS A 235 17.55 -13.89 7.86
C LYS A 235 18.25 -14.64 8.98
N TYR A 236 18.11 -14.18 10.23
CA TYR A 236 18.84 -14.82 11.32
C TYR A 236 18.56 -16.31 11.46
N PHE A 237 17.33 -16.74 11.17
CA PHE A 237 16.95 -18.15 11.34
C PHE A 237 16.69 -18.88 10.03
N GLY A 238 17.11 -18.34 8.89
CA GLY A 238 16.96 -19.06 7.63
C GLY A 238 15.58 -19.51 7.22
N ALA A 239 14.57 -18.67 7.45
CA ALA A 239 13.16 -19.06 7.38
C ALA A 239 12.52 -18.76 6.03
N GLU A 240 13.32 -18.56 4.99
CA GLU A 240 12.81 -18.14 3.67
C GLU A 240 11.76 -19.09 3.10
N SER A 241 12.05 -20.38 3.05
CA SER A 241 11.10 -21.36 2.51
C SER A 241 9.77 -21.34 3.25
N ARG A 242 9.79 -21.25 4.58
CA ARG A 242 8.53 -21.23 5.32
C ARG A 242 7.68 -20.05 4.89
N GLU A 243 8.29 -18.88 4.77
CA GLU A 243 7.55 -17.69 4.35
C GLU A 243 7.02 -17.82 2.93
N GLU A 244 7.80 -18.45 2.05
CA GLU A 244 7.37 -18.62 0.68
C GLU A 244 6.15 -19.53 0.58
N ALA A 245 6.15 -20.63 1.31
CA ALA A 245 4.99 -21.51 1.28
C ALA A 245 3.76 -20.82 1.87
N ARG A 246 3.96 -20.10 2.98
CA ARG A 246 2.86 -19.43 3.64
C ARG A 246 2.20 -18.39 2.74
N TYR A 247 3.00 -17.67 1.95
CA TYR A 247 2.41 -16.73 0.99
C TYR A 247 1.71 -17.48 -0.16
N ALA A 248 2.33 -18.55 -0.66
CA ALA A 248 1.80 -19.25 -1.83
C ALA A 248 0.41 -19.82 -1.59
N SER A 249 0.17 -20.34 -0.38
CA SER A 249 -1.16 -20.93 -0.11
C SER A 249 -2.27 -19.88 -0.18
N ALA A 250 -2.04 -18.70 0.40
CA ALA A 250 -3.05 -17.66 0.34
C ALA A 250 -3.29 -17.22 -1.09
N ALA A 251 -2.22 -17.13 -1.88
CA ALA A 251 -2.41 -16.70 -3.27
C ALA A 251 -3.25 -17.69 -4.06
N ARG A 252 -3.06 -18.99 -3.83
CA ARG A 252 -3.88 -19.98 -4.52
C ARG A 252 -5.36 -19.91 -4.11
N ALA A 253 -5.62 -19.73 -2.80
CA ALA A 253 -7.01 -19.61 -2.36
C ALA A 253 -7.70 -18.42 -3.02
N TYR A 254 -7.00 -17.28 -3.07
CA TYR A 254 -7.57 -16.08 -3.69
C TYR A 254 -7.90 -16.35 -5.15
N ALA A 255 -6.98 -16.98 -5.88
CA ALA A 255 -7.21 -17.20 -7.30
C ALA A 255 -8.46 -18.06 -7.54
N ASP A 256 -8.67 -19.08 -6.70
CA ASP A 256 -9.87 -19.90 -6.84
C ASP A 256 -11.14 -19.07 -6.66
N ALA A 257 -11.17 -18.25 -5.62
CA ALA A 257 -12.37 -17.44 -5.36
C ALA A 257 -12.65 -16.53 -6.56
N ALA A 258 -11.59 -15.93 -7.10
CA ALA A 258 -11.78 -15.02 -8.23
C ALA A 258 -12.36 -15.74 -9.43
N VAL A 259 -11.90 -16.97 -9.69
CA VAL A 259 -12.43 -17.74 -10.82
C VAL A 259 -13.95 -17.95 -10.67
N LYS A 260 -14.40 -18.34 -9.47
CA LYS A 260 -15.86 -18.48 -9.30
C LYS A 260 -16.60 -17.18 -9.57
N SER A 261 -16.05 -16.06 -9.09
CA SER A 261 -16.73 -14.78 -9.23
C SER A 261 -16.91 -14.40 -10.70
N GLU A 262 -15.84 -14.51 -11.48
CA GLU A 262 -15.96 -14.14 -12.89
C GLU A 262 -16.86 -15.09 -13.66
N ASN A 263 -16.89 -16.38 -13.32
CA ASN A 263 -17.86 -17.24 -14.01
C ASN A 263 -19.29 -16.75 -13.81
N SER A 264 -19.66 -16.39 -12.58
CA SER A 264 -21.02 -15.90 -12.39
C SER A 264 -21.27 -14.61 -13.17
N LEU A 265 -20.26 -13.74 -13.26
CA LEU A 265 -20.40 -12.52 -14.05
C LEU A 265 -20.72 -12.83 -15.51
N GLY A 266 -20.04 -13.83 -16.06
CA GLY A 266 -20.30 -14.23 -17.43
C GLY A 266 -21.73 -14.70 -17.66
N LEU A 267 -22.25 -15.48 -16.72
CA LEU A 267 -23.64 -15.93 -16.86
C LEU A 267 -24.61 -14.74 -16.88
N LEU A 268 -24.41 -13.77 -15.98
CA LEU A 268 -25.32 -12.62 -15.97
C LEU A 268 -25.26 -11.87 -17.29
N ASN A 269 -24.07 -11.71 -17.85
CA ASN A 269 -23.94 -11.00 -19.12
C ASN A 269 -24.69 -11.69 -20.25
N ILE A 270 -24.55 -13.02 -20.34
CA ILE A 270 -25.26 -13.74 -21.39
C ILE A 270 -26.77 -13.57 -21.27
N ALA A 271 -27.30 -13.66 -20.04
CA ALA A 271 -28.75 -13.47 -19.87
C ALA A 271 -29.20 -12.09 -20.36
N GLN A 272 -28.45 -11.06 -19.98
CA GLN A 272 -28.83 -9.70 -20.37
C GLN A 272 -28.85 -9.52 -21.89
N ALA A 273 -27.82 -10.03 -22.55
CA ALA A 273 -27.76 -9.86 -24.01
C ALA A 273 -28.88 -10.64 -24.70
N LEU A 274 -29.29 -11.77 -24.13
CA LEU A 274 -30.40 -12.53 -24.71
C LEU A 274 -31.68 -11.69 -24.67
N ILE A 275 -31.98 -11.11 -23.51
CA ILE A 275 -33.19 -10.30 -23.41
C ILE A 275 -33.17 -9.16 -24.42
N VAL A 276 -32.08 -8.39 -24.43
CA VAL A 276 -32.02 -7.22 -25.31
C VAL A 276 -32.24 -7.60 -26.78
N ASN A 277 -31.56 -8.65 -27.25
CA ASN A 277 -31.70 -9.00 -28.66
C ASN A 277 -33.05 -9.62 -28.99
N LEU A 278 -33.69 -10.28 -28.02
CA LEU A 278 -35.08 -10.69 -28.22
C LEU A 278 -35.98 -9.49 -28.47
N LEU A 279 -35.88 -8.47 -27.62
CA LEU A 279 -36.73 -7.30 -27.81
C LEU A 279 -36.50 -6.65 -29.18
N MET A 280 -35.24 -6.53 -29.59
CA MET A 280 -35.00 -5.91 -30.91
C MET A 280 -35.61 -6.74 -32.03
N ALA A 281 -35.44 -8.07 -31.96
CA ALA A 281 -36.05 -8.96 -32.95
C ALA A 281 -37.56 -8.73 -33.05
N GLY A 282 -38.22 -8.70 -31.90
CA GLY A 282 -39.67 -8.54 -31.90
C GLY A 282 -40.10 -7.24 -32.53
N ALA A 283 -39.45 -6.13 -32.14
CA ALA A 283 -39.85 -4.84 -32.67
C ALA A 283 -39.63 -4.75 -34.18
N MET A 284 -38.47 -5.20 -34.66
CA MET A 284 -38.24 -5.14 -36.10
C MET A 284 -39.23 -6.01 -36.86
N ALA A 285 -39.59 -7.17 -36.31
CA ALA A 285 -40.56 -8.04 -36.97
C ALA A 285 -41.92 -7.36 -37.07
N TRP A 286 -42.38 -6.76 -35.98
CA TRP A 286 -43.68 -6.10 -36.00
C TRP A 286 -43.66 -4.96 -37.01
N THR A 287 -42.52 -4.27 -37.13
CA THR A 287 -42.41 -3.15 -38.06
C THR A 287 -42.48 -3.63 -39.50
N VAL A 288 -41.79 -4.71 -39.84
CA VAL A 288 -41.84 -5.22 -41.21
C VAL A 288 -43.25 -5.71 -41.52
N TYR A 289 -43.91 -6.34 -40.55
CA TYR A 289 -45.30 -6.77 -40.78
C TYR A 289 -46.18 -5.56 -41.07
N GLY A 290 -45.99 -4.48 -40.33
CA GLY A 290 -46.73 -3.27 -40.60
C GLY A 290 -46.44 -2.68 -41.97
N TRP A 291 -45.20 -2.83 -42.44
CA TRP A 291 -44.84 -2.38 -43.79
C TRP A 291 -45.58 -3.16 -44.84
N SER A 292 -45.81 -4.45 -44.59
CA SER A 292 -46.48 -5.29 -45.59
C SER A 292 -47.85 -4.72 -45.97
N GLN A 293 -48.51 -4.06 -45.05
CA GLN A 293 -49.84 -3.52 -45.28
C GLN A 293 -49.81 -2.11 -45.85
N GLY A 294 -48.63 -1.60 -46.23
CA GLY A 294 -48.54 -0.29 -46.84
C GLY A 294 -48.73 0.89 -45.90
N LYS A 295 -48.86 0.64 -44.60
CA LYS A 295 -48.93 1.74 -43.65
C LYS A 295 -47.61 2.49 -43.52
N LEU A 296 -46.48 1.79 -43.55
CA LEU A 296 -45.19 2.41 -43.28
C LEU A 296 -44.19 2.23 -44.42
N THR A 297 -43.38 3.26 -44.61
CA THR A 297 -42.22 3.31 -45.49
C THR A 297 -41.05 2.49 -44.89
N VAL A 298 -40.05 2.22 -45.73
CA VAL A 298 -38.83 1.51 -45.33
C VAL A 298 -37.88 2.40 -44.54
N GLY A 299 -38.04 3.71 -44.64
CA GLY A 299 -37.28 4.57 -43.76
C GLY A 299 -37.65 4.30 -42.32
N ASP A 300 -38.91 3.88 -42.07
CA ASP A 300 -39.28 3.58 -40.71
C ASP A 300 -38.40 2.45 -40.16
N LEU A 301 -38.11 1.47 -41.01
CA LEU A 301 -37.23 0.35 -40.63
C LEU A 301 -35.84 0.86 -40.29
N VAL A 302 -35.26 1.68 -41.16
CA VAL A 302 -33.92 2.22 -40.87
C VAL A 302 -33.96 3.03 -39.58
N PHE A 303 -35.04 3.79 -39.38
CA PHE A 303 -35.20 4.62 -38.19
C PHE A 303 -35.17 3.77 -36.93
N VAL A 304 -36.02 2.74 -36.86
CA VAL A 304 -36.10 1.92 -35.65
C VAL A 304 -34.76 1.24 -35.39
N ASN A 305 -34.15 0.66 -36.43
CA ASN A 305 -32.85 0.02 -36.25
C ASN A 305 -31.83 0.99 -35.64
N THR A 306 -31.68 2.17 -36.25
CA THR A 306 -30.68 3.12 -35.75
C THR A 306 -30.99 3.53 -34.32
N TYR A 307 -32.26 3.82 -34.02
CA TYR A 307 -32.62 4.23 -32.68
C TYR A 307 -32.25 3.17 -31.65
N LEU A 308 -32.55 1.91 -31.96
CA LEU A 308 -32.26 0.85 -31.00
C LEU A 308 -30.77 0.65 -30.80
N THR A 309 -29.98 0.64 -31.88
CA THR A 309 -28.54 0.46 -31.71
C THR A 309 -27.91 1.64 -30.95
N GLN A 310 -28.33 2.87 -31.26
CA GLN A 310 -27.82 4.02 -30.51
C GLN A 310 -28.18 3.93 -29.05
N LEU A 311 -29.39 3.45 -28.75
CA LEU A 311 -29.82 3.32 -27.36
C LEU A 311 -28.97 2.30 -26.63
N PHE A 312 -28.76 1.13 -27.23
CA PHE A 312 -28.16 0.02 -26.52
C PHE A 312 -26.64 0.02 -26.52
N ARG A 313 -25.98 0.88 -27.27
CA ARG A 313 -24.52 0.86 -27.25
C ARG A 313 -23.90 1.22 -25.89
N PRO A 314 -24.38 2.24 -25.18
CA PRO A 314 -23.83 2.49 -23.83
C PRO A 314 -24.08 1.39 -22.85
N LEU A 315 -25.11 0.57 -23.05
CA LEU A 315 -25.40 -0.45 -22.06
C LEU A 315 -24.55 -1.69 -22.32
N ASP A 316 -24.37 -2.03 -23.60
CA ASP A 316 -23.49 -3.14 -23.93
C ASP A 316 -22.06 -2.82 -23.58
N MET A 317 -21.70 -1.54 -23.58
CA MET A 317 -20.33 -1.17 -23.20
C MET A 317 -20.01 -1.55 -21.75
N LEU A 318 -21.03 -1.56 -20.89
CA LEU A 318 -20.85 -1.67 -19.44
C LEU A 318 -20.50 -3.07 -18.97
N GLY A 319 -21.00 -4.12 -19.61
CA GLY A 319 -20.69 -5.48 -19.19
C GLY A 319 -19.22 -5.86 -19.19
N MET A 320 -18.33 -4.91 -19.50
CA MET A 320 -16.90 -5.17 -19.43
C MET A 320 -16.17 -4.20 -18.51
N VAL A 321 -16.89 -3.40 -17.72
CA VAL A 321 -16.29 -2.44 -16.81
C VAL A 321 -17.01 -2.62 -15.48
N TYR A 322 -17.86 -3.65 -15.41
CA TYR A 322 -18.64 -3.93 -14.21
C TYR A 322 -17.76 -4.23 -13.01
N ARG A 323 -16.87 -5.22 -13.15
CA ARG A 323 -16.04 -5.68 -12.03
C ARG A 323 -15.28 -4.52 -11.39
N THR A 324 -14.76 -3.61 -12.20
CA THR A 324 -13.98 -2.50 -11.65
C THR A 324 -14.89 -1.60 -10.84
N ILE A 325 -16.04 -1.24 -11.42
CA ILE A 325 -16.93 -0.28 -10.77
C ILE A 325 -17.37 -0.85 -9.42
N ARG A 326 -17.68 -2.15 -9.41
CA ARG A 326 -18.09 -2.83 -8.19
C ARG A 326 -17.02 -2.67 -7.12
N GLN A 327 -15.77 -3.03 -7.48
CA GLN A 327 -14.69 -2.96 -6.49
C GLN A 327 -14.55 -1.53 -6.00
N GLY A 328 -14.69 -0.57 -6.91
CA GLY A 328 -14.52 0.83 -6.52
C GLY A 328 -15.54 1.21 -5.47
N LEU A 329 -16.79 0.79 -5.68
CA LEU A 329 -17.87 1.16 -4.77
C LEU A 329 -17.57 0.59 -3.39
N ILE A 330 -17.09 -0.66 -3.37
CA ILE A 330 -16.74 -1.29 -2.09
C ILE A 330 -15.67 -0.45 -1.39
N ASP A 331 -14.64 -0.07 -2.13
CA ASP A 331 -13.52 0.65 -1.53
C ASP A 331 -13.96 1.99 -0.94
N MET A 332 -14.84 2.70 -1.65
CA MET A 332 -15.32 3.97 -1.09
C MET A 332 -16.13 3.74 0.18
N ALA A 333 -16.97 2.71 0.19
CA ALA A 333 -17.67 2.37 1.42
C ALA A 333 -16.68 2.13 2.55
N GLU A 334 -15.57 1.47 2.24
CA GLU A 334 -14.58 1.18 3.26
C GLU A 334 -13.99 2.47 3.84
N MET A 335 -13.69 3.43 2.97
CA MET A 335 -13.12 4.68 3.43
C MET A 335 -14.08 5.43 4.35
N PHE A 336 -15.38 5.48 3.97
CA PHE A 336 -16.31 6.11 4.90
C PHE A 336 -16.40 5.34 6.21
N ARG A 337 -16.27 4.02 6.18
CA ARG A 337 -16.31 3.25 7.42
C ARG A 337 -15.20 3.72 8.34
N LEU A 338 -14.00 3.90 7.77
CA LEU A 338 -12.87 4.37 8.55
C LEU A 338 -13.13 5.75 9.13
N ILE A 339 -13.70 6.65 8.32
CA ILE A 339 -13.95 8.02 8.77
C ILE A 339 -14.97 8.07 9.91
N ASP A 340 -15.87 7.09 9.97
CA ASP A 340 -16.93 7.09 10.97
C ASP A 340 -16.56 6.60 12.37
N THR A 341 -15.53 5.76 12.55
CA THR A 341 -15.22 5.25 13.89
C THR A 341 -14.98 6.37 14.90
N HIS A 342 -15.56 6.19 16.10
CA HIS A 342 -15.63 7.17 17.17
C HIS A 342 -14.38 7.18 18.05
N ILE A 343 -14.17 8.34 18.69
CA ILE A 343 -12.98 8.65 19.47
C ILE A 343 -13.19 8.27 20.93
N GLU A 344 -12.39 7.33 21.43
CA GLU A 344 -12.55 6.83 22.80
C GLU A 344 -12.30 7.92 23.84
N VAL A 345 -11.23 8.69 23.70
CA VAL A 345 -10.86 9.69 24.70
C VAL A 345 -10.99 11.07 24.08
N ALA A 346 -11.94 11.86 24.57
CA ALA A 346 -12.21 13.19 24.04
C ALA A 346 -12.22 14.21 25.16
N ASP A 347 -11.92 15.46 24.83
CA ASP A 347 -12.04 16.54 25.80
C ASP A 347 -13.50 16.74 26.18
N VAL A 348 -13.73 17.14 27.43
CA VAL A 348 -15.05 17.54 27.87
C VAL A 348 -15.50 18.87 27.26
N PRO A 349 -16.80 19.14 27.23
CA PRO A 349 -17.31 20.40 26.72
C PRO A 349 -16.88 21.61 27.53
N ASN A 350 -16.50 22.68 26.85
CA ASN A 350 -16.04 23.92 27.47
C ASN A 350 -14.85 23.75 28.41
N ALA A 351 -13.92 22.88 28.04
CA ALA A 351 -12.79 22.64 28.93
C ALA A 351 -11.97 23.92 29.10
N PRO A 352 -11.63 24.31 30.31
CA PRO A 352 -10.72 25.45 30.50
C PRO A 352 -9.28 25.07 30.17
N ALA A 353 -8.47 26.08 29.88
CA ALA A 353 -7.04 25.86 29.68
C ALA A 353 -6.33 25.57 31.00
N LEU A 354 -5.26 24.77 30.90
CA LEU A 354 -4.38 24.52 32.03
C LEU A 354 -3.51 25.72 32.36
N VAL A 355 -3.42 26.07 33.64
CA VAL A 355 -2.61 27.19 34.10
C VAL A 355 -1.63 26.64 35.13
N VAL A 356 -0.37 26.46 34.73
CA VAL A 356 0.63 25.81 35.58
C VAL A 356 1.44 26.88 36.31
N ASN A 357 1.13 27.12 37.58
CA ASN A 357 1.93 28.07 38.37
C ASN A 357 2.93 27.42 39.31
N ARG A 358 2.54 26.35 40.01
CA ARG A 358 3.44 25.58 40.86
C ARG A 358 3.31 24.09 40.54
N PRO A 359 4.29 23.49 39.91
CA PRO A 359 4.14 22.16 39.30
C PRO A 359 4.20 20.98 40.27
N SER A 360 3.20 20.90 41.15
CA SER A 360 3.03 19.73 41.98
C SER A 360 2.32 18.64 41.18
N VAL A 361 2.53 17.37 41.59
CA VAL A 361 1.80 16.26 41.00
C VAL A 361 1.14 15.42 42.07
N THR A 362 -0.17 15.20 41.95
CA THR A 362 -0.87 14.33 42.89
C THR A 362 -1.45 13.14 42.14
N PHE A 363 -1.22 11.93 42.66
CA PHE A 363 -1.95 10.72 42.30
C PHE A 363 -2.90 10.38 43.43
N ASP A 364 -4.19 10.31 43.14
CA ASP A 364 -5.20 10.07 44.17
C ASP A 364 -5.97 8.77 43.91
N ASN A 365 -5.53 7.71 44.58
CA ASN A 365 -6.18 6.39 44.60
C ASN A 365 -6.46 5.81 43.20
N VAL A 366 -5.45 5.85 42.34
CA VAL A 366 -5.64 5.46 40.94
C VAL A 366 -5.66 3.94 40.81
N VAL A 367 -6.77 3.40 40.31
CA VAL A 367 -6.89 1.98 39.97
C VAL A 367 -7.06 1.85 38.45
N PHE A 368 -6.24 1.02 37.82
CA PHE A 368 -6.27 0.97 36.36
C PHE A 368 -5.71 -0.36 35.85
N GLY A 369 -6.17 -0.74 34.66
CA GLY A 369 -5.57 -1.81 33.88
C GLY A 369 -5.98 -1.66 32.44
N TYR A 370 -5.22 -2.29 31.55
CA TYR A 370 -5.59 -2.25 30.13
C TYR A 370 -6.86 -3.04 29.83
N ASP A 371 -7.06 -4.18 30.49
CA ASP A 371 -8.24 -5.00 30.28
C ASP A 371 -8.88 -5.34 31.62
N ARG A 372 -10.21 -5.47 31.60
CA ARG A 372 -10.95 -5.67 32.84
C ARG A 372 -10.62 -6.99 33.54
N ASP A 373 -9.97 -7.92 32.85
CA ASP A 373 -9.61 -9.18 33.49
C ASP A 373 -8.21 -9.17 34.10
N ARG A 374 -7.43 -8.11 33.92
CA ARG A 374 -6.11 -8.00 34.56
C ARG A 374 -5.90 -6.61 35.16
N GLU A 375 -6.16 -6.48 36.46
CA GLU A 375 -5.98 -5.20 37.15
C GLU A 375 -4.49 -5.07 37.45
N ILE A 376 -3.89 -3.93 37.12
CA ILE A 376 -2.46 -3.73 37.29
C ILE A 376 -2.12 -2.81 38.47
N LEU A 377 -2.70 -1.63 38.52
CA LEU A 377 -2.51 -0.76 39.69
C LEU A 377 -3.61 -0.91 40.73
N HIS A 378 -3.21 -1.08 41.99
CA HIS A 378 -4.13 -1.41 43.07
C HIS A 378 -4.15 -0.27 44.10
N GLY A 379 -4.96 0.75 43.86
CA GLY A 379 -5.01 1.94 44.69
C GLY A 379 -3.73 2.71 45.00
N LEU A 380 -2.95 3.01 43.99
CA LEU A 380 -1.69 3.72 44.15
C LEU A 380 -1.95 5.21 44.34
N SER A 381 -1.47 5.78 45.46
CA SER A 381 -1.60 7.20 45.76
C SER A 381 -0.25 7.79 46.16
N PHE A 382 0.11 8.95 45.60
CA PHE A 382 1.31 9.61 46.12
C PHE A 382 1.34 11.07 45.67
N GLU A 383 2.15 11.86 46.37
CA GLU A 383 2.32 13.28 46.08
C GLU A 383 3.77 13.57 45.76
N VAL A 384 4.01 14.23 44.62
CA VAL A 384 5.34 14.71 44.25
C VAL A 384 5.33 16.23 44.38
N ALA A 385 6.09 16.73 45.35
CA ALA A 385 6.15 18.14 45.68
C ALA A 385 6.85 18.93 44.57
N ALA A 386 6.41 20.18 44.41
CA ALA A 386 6.99 21.06 43.38
C ALA A 386 8.47 21.30 43.64
N GLY A 387 9.29 21.12 42.61
CA GLY A 387 10.71 21.37 42.71
C GLY A 387 11.55 20.23 43.26
N SER A 388 10.94 19.15 43.71
CA SER A 388 11.67 18.02 44.25
C SER A 388 12.19 17.11 43.15
N ARG A 389 13.24 16.36 43.48
CA ARG A 389 13.82 15.37 42.58
C ARG A 389 13.49 13.97 43.08
N VAL A 390 12.64 13.25 42.36
CA VAL A 390 12.22 11.95 42.82
C VAL A 390 12.57 10.91 41.77
N ALA A 391 12.74 9.68 42.22
CA ALA A 391 13.00 8.54 41.37
C ALA A 391 11.90 7.51 41.58
N ILE A 392 11.58 6.76 40.53
CA ILE A 392 10.64 5.65 40.61
C ILE A 392 11.36 4.39 40.16
N VAL A 393 11.50 3.40 41.05
CA VAL A 393 12.20 2.18 40.67
C VAL A 393 11.39 0.97 41.09
N GLY A 394 11.68 -0.15 40.44
CA GLY A 394 11.10 -1.44 40.75
C GLY A 394 11.72 -2.49 39.84
N PRO A 395 11.52 -3.77 40.13
CA PRO A 395 11.96 -4.79 39.18
C PRO A 395 11.04 -4.86 37.98
N SER A 396 11.32 -5.86 37.13
CA SER A 396 10.72 -5.94 35.81
C SER A 396 9.21 -6.12 35.93
N GLY A 397 8.51 -6.07 34.81
CA GLY A 397 7.07 -6.20 34.79
C GLY A 397 6.29 -5.34 35.76
N ALA A 398 6.92 -4.35 36.38
CA ALA A 398 6.33 -3.62 37.48
C ALA A 398 5.12 -2.82 37.03
N GLY A 399 5.10 -2.37 35.78
CA GLY A 399 4.05 -1.52 35.28
C GLY A 399 4.33 -0.06 35.49
N LYS A 400 5.59 0.30 35.76
CA LYS A 400 5.92 1.69 36.00
C LYS A 400 5.74 2.52 34.74
N SER A 401 5.91 1.92 33.56
CA SER A 401 5.72 2.68 32.33
C SER A 401 4.26 3.05 32.12
N THR A 402 3.35 2.45 32.89
CA THR A 402 1.99 2.91 32.75
C THR A 402 1.87 4.25 33.42
N ILE A 403 2.68 4.52 34.45
CA ILE A 403 2.47 5.73 35.22
C ILE A 403 2.54 6.87 34.23
N ALA A 404 3.63 6.88 33.48
CA ALA A 404 3.91 7.88 32.46
C ALA A 404 2.81 7.88 31.42
N ARG A 405 2.39 6.69 30.96
CA ARG A 405 1.38 6.67 29.91
C ARG A 405 0.05 7.23 30.40
N LEU A 406 -0.22 7.08 31.69
CA LEU A 406 -1.41 7.63 32.33
C LEU A 406 -1.31 9.14 32.47
N LEU A 407 -0.09 9.62 32.75
CA LEU A 407 0.09 11.05 33.00
C LEU A 407 -0.22 11.86 31.75
N PHE A 408 0.06 11.31 30.58
CA PHE A 408 -0.24 11.98 29.32
C PHE A 408 -1.69 11.75 28.89
N ARG A 409 -2.47 11.06 29.71
CA ARG A 409 -3.87 10.76 29.43
C ARG A 409 -4.03 10.06 28.09
N PHE A 410 -3.16 9.09 27.85
CA PHE A 410 -3.40 8.14 26.76
C PHE A 410 -4.61 7.29 27.08
N TYR A 411 -4.92 7.09 28.36
CA TYR A 411 -6.10 6.38 28.82
C TYR A 411 -6.62 7.09 30.06
N ASP A 412 -7.86 6.79 30.42
CA ASP A 412 -8.34 7.39 31.64
C ASP A 412 -8.40 6.36 32.77
N PRO A 413 -8.22 6.80 34.01
CA PRO A 413 -8.42 5.90 35.15
C PRO A 413 -9.86 5.43 35.30
N TRP A 414 -10.01 4.17 35.74
CA TRP A 414 -11.32 3.68 36.12
C TRP A 414 -11.88 4.41 37.35
N GLU A 415 -11.03 4.61 38.36
CA GLU A 415 -11.38 5.34 39.57
C GLU A 415 -10.22 6.19 40.02
N GLY A 416 -10.51 7.20 40.83
CA GLY A 416 -9.48 8.08 41.32
C GLY A 416 -9.16 9.18 40.33
N ARG A 417 -8.10 9.91 40.61
CA ARG A 417 -7.83 11.05 39.74
C ARG A 417 -6.37 11.47 39.84
N ILE A 418 -5.95 12.22 38.82
CA ILE A 418 -4.62 12.81 38.77
C ILE A 418 -4.77 14.32 38.79
N LEU A 419 -3.98 14.98 39.62
CA LEU A 419 -4.04 16.44 39.69
C LEU A 419 -2.69 17.02 39.34
N ILE A 420 -2.70 18.15 38.62
CA ILE A 420 -1.53 19.00 38.47
C ILE A 420 -1.93 20.36 39.00
N ASP A 421 -1.16 20.88 39.96
CA ASP A 421 -1.51 22.13 40.61
C ASP A 421 -2.96 22.15 41.08
N GLY A 422 -3.43 21.03 41.62
CA GLY A 422 -4.79 21.04 42.13
C GLY A 422 -5.89 20.96 41.10
N GLN A 423 -5.58 20.74 39.83
CA GLN A 423 -6.58 20.70 38.77
C GLN A 423 -6.70 19.31 38.16
N ASP A 424 -7.92 18.81 38.08
CA ASP A 424 -8.23 17.50 37.50
C ASP A 424 -7.92 17.47 36.01
N ILE A 425 -7.01 16.58 35.60
CA ILE A 425 -6.55 16.55 34.22
C ILE A 425 -7.61 16.05 33.25
N ALA A 426 -8.69 15.44 33.75
CA ALA A 426 -9.78 15.01 32.88
C ALA A 426 -10.65 16.17 32.42
N HIS A 427 -10.60 17.30 33.11
CA HIS A 427 -11.44 18.45 32.86
C HIS A 427 -10.74 19.58 32.12
N VAL A 428 -9.49 19.42 31.71
CA VAL A 428 -8.78 20.47 31.01
C VAL A 428 -8.59 20.06 29.54
N THR A 429 -8.17 21.03 28.73
CA THR A 429 -7.86 20.78 27.33
C THR A 429 -6.64 19.87 27.17
N GLN A 430 -6.75 18.90 26.25
CA GLN A 430 -5.64 17.99 25.99
C GLN A 430 -4.38 18.72 25.54
N THR A 431 -4.54 19.78 24.74
CA THR A 431 -3.37 20.42 24.15
C THR A 431 -2.52 21.16 25.18
N SER A 432 -3.14 21.86 26.12
CA SER A 432 -2.33 22.56 27.12
C SER A 432 -1.62 21.55 28.01
N LEU A 433 -2.33 20.48 28.36
CA LEU A 433 -1.75 19.46 29.21
C LEU A 433 -0.51 18.87 28.55
N ARG A 434 -0.62 18.42 27.30
CA ARG A 434 0.55 17.80 26.70
C ARG A 434 1.63 18.84 26.42
N ALA A 435 1.26 20.10 26.25
CA ALA A 435 2.26 21.14 26.09
C ALA A 435 3.11 21.34 27.35
N ALA A 436 2.54 21.08 28.53
CA ALA A 436 3.31 21.26 29.75
C ALA A 436 4.29 20.15 30.10
N LEU A 437 4.29 19.02 29.38
CA LEU A 437 5.05 17.84 29.79
C LEU A 437 6.06 17.41 28.73
N GLY A 438 7.28 17.07 29.16
CA GLY A 438 8.27 16.49 28.28
C GLY A 438 8.57 15.06 28.70
N ILE A 439 8.87 14.22 27.71
CA ILE A 439 9.17 12.81 27.93
C ILE A 439 10.34 12.37 27.06
N VAL A 440 11.24 11.59 27.64
CA VAL A 440 12.23 10.81 26.91
C VAL A 440 11.88 9.34 27.10
N PRO A 441 11.30 8.68 26.09
CA PRO A 441 10.89 7.27 26.22
C PRO A 441 12.03 6.28 26.08
N GLN A 442 11.72 5.03 26.43
CA GLN A 442 12.69 3.94 26.33
C GLN A 442 13.12 3.69 24.89
N ASP A 443 12.16 3.49 23.98
CA ASP A 443 12.48 3.28 22.57
C ASP A 443 12.07 4.52 21.79
N SER A 444 13.05 5.28 21.34
CA SER A 444 12.80 6.51 20.60
C SER A 444 12.91 6.28 19.10
N VAL A 445 11.99 6.88 18.34
CA VAL A 445 11.88 6.64 16.91
C VAL A 445 12.33 7.91 16.21
N LEU A 446 13.06 7.76 15.12
CA LEU A 446 13.54 8.88 14.32
C LEU A 446 12.82 8.98 12.99
N PHE A 447 12.54 10.21 12.55
CA PHE A 447 11.98 10.40 11.23
C PHE A 447 13.05 10.11 10.17
N ASN A 448 12.60 9.79 8.97
CA ASN A 448 13.50 9.53 7.84
C ASN A 448 13.96 10.84 7.21
N ASP A 449 15.01 11.42 7.77
CA ASP A 449 15.45 12.76 7.39
C ASP A 449 16.80 13.01 8.06
N THR A 450 17.26 14.25 8.00
CA THR A 450 18.59 14.55 8.50
C THR A 450 18.57 14.66 10.03
N ILE A 451 19.75 14.54 10.63
CA ILE A 451 19.88 14.71 12.06
C ILE A 451 19.49 16.11 12.50
N GLY A 452 19.82 17.11 11.68
CA GLY A 452 19.43 18.46 12.02
C GLY A 452 17.93 18.68 12.04
N TYR A 453 17.22 18.10 11.09
CA TYR A 453 15.76 18.19 11.13
C TYR A 453 15.20 17.50 12.37
N ASN A 454 15.72 16.32 12.72
CA ASN A 454 15.22 15.60 13.86
C ASN A 454 15.45 16.35 15.17
N ILE A 455 16.60 17.03 15.30
CA ILE A 455 16.80 17.85 16.48
C ILE A 455 15.92 19.10 16.45
N ALA A 456 15.80 19.76 15.31
CA ALA A 456 15.02 20.99 15.28
C ALA A 456 13.54 20.74 15.47
N TYR A 457 13.11 19.50 15.27
CA TYR A 457 11.70 19.14 15.40
C TYR A 457 11.08 19.46 16.75
N GLY A 458 11.88 19.59 17.81
CA GLY A 458 11.29 19.85 19.12
C GLY A 458 10.45 21.11 19.23
N ARG A 459 10.85 22.19 18.55
CA ARG A 459 10.03 23.38 18.61
C ARG A 459 9.89 24.05 17.25
N ASP A 460 8.73 24.64 17.03
CA ASP A 460 8.38 25.19 15.72
C ASP A 460 9.38 26.28 15.33
N GLY A 461 10.19 26.04 14.30
CA GLY A 461 11.17 27.05 13.94
C GLY A 461 12.50 27.08 14.66
N ALA A 462 13.03 25.95 15.08
CA ALA A 462 14.19 25.95 15.98
C ALA A 462 15.36 26.68 15.32
N SER A 463 15.96 27.60 16.06
CA SER A 463 17.05 28.40 15.52
C SER A 463 18.39 27.67 15.68
N ARG A 464 19.40 28.20 15.00
CA ARG A 464 20.75 27.65 15.09
C ARG A 464 21.30 27.67 16.51
N ALA A 465 21.00 28.71 17.28
CA ALA A 465 21.54 28.78 18.63
C ALA A 465 20.99 27.68 19.52
N GLU A 466 19.69 27.42 19.43
CA GLU A 466 19.08 26.39 20.26
C GLU A 466 19.62 25.00 19.93
N VAL A 467 19.76 24.67 18.64
CA VAL A 467 20.32 23.37 18.29
C VAL A 467 21.77 23.26 18.74
N ASP A 468 22.57 24.32 18.56
CA ASP A 468 23.95 24.23 19.00
C ASP A 468 24.04 24.02 20.51
N ALA A 469 23.22 24.75 21.26
CA ALA A 469 23.21 24.61 22.72
C ALA A 469 22.80 23.21 23.14
N ALA A 470 21.77 22.66 22.52
CA ALA A 470 21.32 21.32 22.87
C ALA A 470 22.36 20.27 22.49
N ALA A 471 22.94 20.37 21.30
CA ALA A 471 23.95 19.40 20.92
C ALA A 471 25.16 19.45 21.84
N LYS A 472 25.47 20.63 22.37
CA LYS A 472 26.54 20.74 23.36
C LYS A 472 26.13 20.04 24.65
N GLY A 473 24.95 20.37 25.15
CA GLY A 473 24.44 19.75 26.37
C GLY A 473 24.29 18.24 26.27
N ALA A 474 24.11 17.72 25.07
CA ALA A 474 23.98 16.29 24.86
C ALA A 474 25.32 15.59 24.65
N ALA A 475 26.42 16.33 24.58
CA ALA A 475 27.75 15.76 24.36
C ALA A 475 27.84 14.94 23.08
N ILE A 476 27.26 15.46 22.01
CA ILE A 476 27.35 14.86 20.68
C ILE A 476 28.06 15.78 19.69
N ALA A 477 28.51 16.95 20.14
CA ALA A 477 29.11 17.92 19.23
C ALA A 477 30.35 17.38 18.53
N ASP A 478 31.24 16.73 19.28
CA ASP A 478 32.44 16.20 18.62
C ASP A 478 32.09 15.11 17.63
N PHE A 479 31.19 14.20 18.01
CA PHE A 479 30.82 13.12 17.10
C PHE A 479 30.25 13.67 15.79
N ILE A 480 29.44 14.72 15.87
CA ILE A 480 28.90 15.31 14.66
C ILE A 480 29.99 16.04 13.89
N ALA A 481 30.90 16.71 14.59
CA ALA A 481 31.98 17.42 13.91
C ALA A 481 32.85 16.48 13.10
N ARG A 482 33.09 15.28 13.60
CA ARG A 482 33.91 14.33 12.86
C ARG A 482 33.19 13.65 11.70
N LEU A 483 31.88 13.80 11.58
CA LEU A 483 31.19 13.25 10.41
C LEU A 483 31.41 14.12 9.17
N PRO A 484 31.64 13.49 8.01
CA PRO A 484 31.91 14.26 6.79
C PRO A 484 30.82 15.24 6.38
N GLN A 485 29.57 14.80 6.37
CA GLN A 485 28.44 15.62 5.96
C GLN A 485 27.78 16.37 7.11
N GLY A 486 28.33 16.27 8.31
CA GLY A 486 27.80 17.02 9.43
C GLY A 486 26.34 16.78 9.74
N TYR A 487 25.58 17.87 9.85
CA TYR A 487 24.15 17.83 10.13
C TYR A 487 23.32 17.18 9.03
N ASP A 488 23.86 17.04 7.83
CA ASP A 488 23.11 16.45 6.72
C ASP A 488 23.29 14.94 6.60
N THR A 489 23.95 14.29 7.54
CA THR A 489 24.03 12.83 7.52
C THR A 489 22.66 12.19 7.69
N GLU A 490 22.29 11.37 6.71
CA GLU A 490 21.02 10.66 6.71
C GLU A 490 21.00 9.51 7.72
N VAL A 491 19.88 9.35 8.42
CA VAL A 491 19.76 8.30 9.42
C VAL A 491 19.06 7.06 8.86
N GLY A 492 18.25 7.20 7.82
CA GLY A 492 17.43 6.13 7.30
C GLY A 492 16.08 5.93 7.96
N GLU A 493 15.55 4.74 7.76
CA GLU A 493 14.33 4.28 8.42
C GLU A 493 14.54 4.06 9.91
N ARG A 494 13.75 4.75 10.73
CA ARG A 494 13.86 4.71 12.18
C ARG A 494 15.27 4.96 12.68
N GLY A 495 16.09 5.63 11.88
CA GLY A 495 17.46 5.87 12.26
C GLY A 495 18.25 4.62 12.58
N LEU A 496 17.87 3.50 11.97
CA LEU A 496 18.58 2.25 12.19
C LEU A 496 20.04 2.31 11.77
N LYS A 497 20.52 3.45 11.28
CA LYS A 497 21.90 3.58 10.83
C LYS A 497 22.79 4.13 11.93
N LEU A 498 22.21 4.57 13.03
CA LEU A 498 22.90 5.13 14.18
C LEU A 498 22.93 4.10 15.30
N SER A 499 23.98 4.15 16.10
CA SER A 499 24.06 3.29 17.28
C SER A 499 23.04 3.71 18.33
N GLY A 500 22.86 2.83 19.33
CA GLY A 500 21.88 3.07 20.37
C GLY A 500 22.16 4.32 21.19
N GLY A 501 23.42 4.53 21.55
CA GLY A 501 23.76 5.72 22.31
C GLY A 501 23.50 6.98 21.52
N GLU A 502 23.76 6.93 20.21
CA GLU A 502 23.49 8.08 19.35
C GLU A 502 21.99 8.39 19.35
N LYS A 503 21.15 7.37 19.18
CA LYS A 503 19.71 7.60 19.16
C LYS A 503 19.23 8.17 20.48
N GLN A 504 19.74 7.64 21.59
CA GLN A 504 19.33 8.14 22.90
C GLN A 504 19.78 9.58 23.10
N ARG A 505 20.95 9.93 22.56
CA ARG A 505 21.42 11.30 22.64
C ARG A 505 20.56 12.24 21.80
N VAL A 506 20.13 11.80 20.62
CA VAL A 506 19.21 12.60 19.82
C VAL A 506 17.90 12.82 20.56
N ALA A 507 17.40 11.79 21.25
CA ALA A 507 16.19 11.95 22.04
C ALA A 507 16.36 12.96 23.16
N ILE A 508 17.48 12.87 23.88
CA ILE A 508 17.77 13.85 24.92
C ILE A 508 17.82 15.25 24.33
N ALA A 509 18.44 15.39 23.15
CA ALA A 509 18.54 16.72 22.55
C ALA A 509 17.15 17.25 22.23
N ARG A 510 16.28 16.38 21.72
CA ARG A 510 14.93 16.80 21.38
C ARG A 510 14.21 17.35 22.59
N THR A 511 14.23 16.60 23.69
CA THR A 511 13.56 17.10 24.88
C THR A 511 14.23 18.35 25.43
N LEU A 512 15.54 18.49 25.26
CA LEU A 512 16.19 19.72 25.71
C LEU A 512 15.69 20.93 24.92
N VAL A 513 15.53 20.73 23.61
CA VAL A 513 14.98 21.76 22.73
C VAL A 513 13.55 22.15 23.11
N LYS A 514 12.73 21.17 23.49
CA LYS A 514 11.38 21.51 23.95
C LYS A 514 11.37 22.44 25.16
N ASN A 515 12.29 22.25 26.10
CA ASN A 515 12.32 23.02 27.33
C ASN A 515 10.99 23.02 28.08
N PRO A 516 10.48 21.85 28.48
CA PRO A 516 9.21 21.77 29.17
C PRO A 516 9.36 22.02 30.65
N PRO A 517 8.34 22.57 31.31
CA PRO A 517 8.43 22.76 32.77
C PRO A 517 8.53 21.48 33.56
N ILE A 518 7.99 20.36 33.08
CA ILE A 518 8.05 19.09 33.80
C ILE A 518 8.72 18.08 32.88
N LEU A 519 9.71 17.36 33.40
CA LEU A 519 10.45 16.45 32.53
C LEU A 519 10.51 15.02 33.08
N LEU A 520 10.35 14.05 32.17
CA LEU A 520 10.36 12.62 32.51
C LEU A 520 11.50 11.96 31.75
N PHE A 521 12.42 11.33 32.48
CA PHE A 521 13.44 10.44 31.90
C PHE A 521 13.04 8.98 32.08
N ASP A 522 12.75 8.29 30.98
CA ASP A 522 12.28 6.91 30.99
C ASP A 522 13.39 5.98 30.45
N GLU A 523 14.23 5.47 31.35
CA GLU A 523 15.44 4.72 30.99
C GLU A 523 16.35 5.49 30.03
N ALA A 524 16.50 6.78 30.30
CA ALA A 524 17.17 7.70 29.39
C ALA A 524 18.62 7.36 29.12
N THR A 525 19.32 6.80 30.11
CA THR A 525 20.76 6.51 30.03
C THR A 525 21.12 5.05 29.80
N SER A 526 20.16 4.16 29.58
CA SER A 526 20.47 2.74 29.57
C SER A 526 21.40 2.29 28.45
N ALA A 527 21.52 3.03 27.35
CA ALA A 527 22.38 2.58 26.26
C ALA A 527 23.75 3.27 26.17
N LEU A 528 24.16 4.05 27.17
CA LEU A 528 25.43 4.77 27.07
C LEU A 528 26.54 4.14 27.89
N ASP A 529 27.77 4.44 27.50
CA ASP A 529 28.95 4.08 28.27
C ASP A 529 29.05 4.94 29.53
N THR A 530 29.97 4.54 30.42
CA THR A 530 30.06 5.15 31.73
C THR A 530 30.44 6.64 31.67
N ARG A 531 31.47 6.99 30.91
CA ARG A 531 31.88 8.41 30.89
C ARG A 531 30.80 9.30 30.27
N THR A 532 30.22 8.86 29.15
CA THR A 532 29.12 9.62 28.56
C THR A 532 27.98 9.75 29.54
N GLU A 533 27.70 8.69 30.28
CA GLU A 533 26.64 8.69 31.26
C GLU A 533 26.90 9.75 32.32
N GLN A 534 28.11 9.77 32.87
CA GLN A 534 28.40 10.74 33.93
C GLN A 534 28.30 12.16 33.40
N ASP A 535 28.71 12.37 32.14
CA ASP A 535 28.61 13.71 31.56
C ASP A 535 27.15 14.13 31.46
N ILE A 536 26.32 13.30 30.83
CA ILE A 536 24.97 13.78 30.63
C ILE A 536 24.26 13.86 31.97
N LEU A 537 24.65 13.03 32.94
CA LEU A 537 24.02 13.08 34.25
C LEU A 537 24.31 14.43 34.92
N SER A 538 25.52 14.94 34.73
CA SER A 538 25.87 16.25 35.25
C SER A 538 25.08 17.35 34.57
N THR A 539 24.92 17.27 33.25
CA THR A 539 24.07 18.24 32.57
C THR A 539 22.64 18.19 33.09
N MET A 540 22.12 16.98 33.31
CA MET A 540 20.75 16.83 33.80
C MET A 540 20.59 17.46 35.17
N ARG A 541 21.58 17.27 36.06
CA ARG A 541 21.49 17.87 37.38
C ARG A 541 21.54 19.39 37.31
N ALA A 542 22.41 19.94 36.46
CA ALA A 542 22.49 21.40 36.30
C ALA A 542 21.21 22.00 35.73
N VAL A 543 20.65 21.37 34.70
CA VAL A 543 19.47 21.84 33.96
C VAL A 543 18.17 21.71 34.74
N ALA A 544 18.18 21.01 35.86
CA ALA A 544 17.00 20.74 36.67
C ALA A 544 16.69 21.83 37.69
N SER A 545 17.18 23.05 37.49
CA SER A 545 17.28 24.03 38.57
C SER A 545 15.92 24.26 39.23
N HIS A 546 14.90 24.69 38.47
CA HIS A 546 13.62 24.98 39.11
C HIS A 546 12.46 24.18 38.53
N ARG A 547 12.71 23.04 37.90
CA ARG A 547 11.63 22.26 37.34
C ARG A 547 11.42 20.99 38.17
N THR A 548 10.26 20.38 38.03
CA THR A 548 10.01 19.03 38.51
C THR A 548 10.56 17.99 37.54
N THR A 549 11.43 17.10 38.04
CA THR A 549 12.14 16.12 37.23
C THR A 549 11.86 14.75 37.81
N ILE A 550 11.37 13.82 36.98
CA ILE A 550 11.15 12.45 37.39
C ILE A 550 12.02 11.53 36.55
N SER A 551 12.92 10.80 37.21
CA SER A 551 13.86 9.90 36.56
C SER A 551 13.56 8.46 36.95
N ILE A 552 13.28 7.63 35.95
CA ILE A 552 13.01 6.21 36.14
C ILE A 552 14.23 5.44 35.64
N ALA A 553 14.98 4.83 36.55
CA ALA A 553 16.26 4.23 36.17
C ALA A 553 16.40 2.84 36.76
N HIS A 554 17.01 1.95 35.99
CA HIS A 554 17.36 0.60 36.41
C HIS A 554 18.57 0.54 37.33
N ARG A 555 19.61 1.33 37.05
CA ARG A 555 20.87 1.24 37.77
C ARG A 555 20.88 2.30 38.87
N LEU A 556 20.87 1.82 40.12
CA LEU A 556 20.63 2.64 41.29
C LEU A 556 21.69 3.70 41.54
N SER A 557 22.95 3.42 41.18
CA SER A 557 24.00 4.38 41.51
C SER A 557 23.77 5.73 40.84
N THR A 558 23.16 5.73 39.65
CA THR A 558 22.91 6.98 38.95
C THR A 558 21.85 7.85 39.62
N ILE A 559 21.05 7.31 40.55
CA ILE A 559 19.99 8.11 41.16
C ILE A 559 20.13 8.21 42.68
N ALA A 560 21.25 7.79 43.25
CA ALA A 560 21.34 7.70 44.70
C ALA A 560 21.18 9.05 45.39
N ASP A 561 21.47 10.15 44.70
CA ASP A 561 21.37 11.48 45.29
C ASP A 561 19.99 12.11 45.18
N SER A 562 18.97 11.35 44.77
CA SER A 562 17.65 11.94 44.57
C SER A 562 17.05 12.43 45.88
N ASP A 563 16.17 13.43 45.78
CA ASP A 563 15.44 13.88 46.96
C ASP A 563 14.59 12.78 47.56
N THR A 564 13.86 12.01 46.74
CA THR A 564 13.13 10.89 47.30
C THR A 564 13.00 9.76 46.28
N ILE A 565 12.83 8.54 46.77
CA ILE A 565 12.74 7.36 45.90
C ILE A 565 11.45 6.59 46.24
N LEU A 566 10.66 6.31 45.21
CA LEU A 566 9.47 5.47 45.29
C LEU A 566 9.77 4.09 44.75
N VAL A 567 9.59 3.04 45.55
CA VAL A 567 9.84 1.68 45.06
C VAL A 567 8.49 0.97 44.90
N LEU A 568 8.20 0.57 43.67
CA LEU A 568 6.97 -0.11 43.33
C LEU A 568 7.23 -1.60 43.17
N ASP A 569 6.32 -2.43 43.66
CA ASP A 569 6.30 -3.84 43.32
C ASP A 569 4.90 -4.31 43.03
N GLN A 570 4.73 -5.02 41.92
CA GLN A 570 3.44 -5.64 41.57
C GLN A 570 2.31 -4.63 41.62
N GLY A 571 2.54 -3.46 41.03
CA GLY A 571 1.49 -2.49 40.95
C GLY A 571 1.12 -1.82 42.26
N ARG A 572 1.97 -1.90 43.29
CA ARG A 572 1.68 -1.15 44.50
C ARG A 572 2.96 -0.53 45.04
N LEU A 573 2.79 0.41 45.96
CA LEU A 573 3.88 1.12 46.63
C LEU A 573 4.39 0.27 47.78
N ALA A 574 5.56 -0.35 47.65
CA ALA A 574 6.03 -1.11 48.80
C ALA A 574 6.70 -0.23 49.85
N GLU A 575 7.68 0.56 49.46
CA GLU A 575 8.48 1.34 50.40
C GLU A 575 8.64 2.75 49.88
N GLN A 576 8.72 3.72 50.79
CA GLN A 576 8.87 5.11 50.42
C GLN A 576 9.81 5.84 51.38
N GLY A 577 10.70 6.64 50.83
CA GLY A 577 11.56 7.48 51.65
C GLY A 577 12.89 7.73 50.97
N SER A 578 13.76 8.43 51.71
CA SER A 578 15.08 8.77 51.22
C SER A 578 15.99 7.53 51.20
N HIS A 579 17.11 7.67 50.49
CA HIS A 579 18.05 6.55 50.32
C HIS A 579 18.56 6.00 51.64
N LEU A 580 18.86 6.87 52.61
CA LEU A 580 19.34 6.40 53.89
C LEU A 580 18.24 5.66 54.67
N ASP A 581 17.02 6.18 54.65
CA ASP A 581 15.92 5.51 55.33
C ASP A 581 15.72 4.09 54.78
N LEU A 582 15.77 3.92 53.46
CA LEU A 582 15.57 2.59 52.89
C LEU A 582 16.74 1.67 53.18
N LEU A 583 17.97 2.19 53.22
CA LEU A 583 19.07 1.31 53.59
C LEU A 583 18.93 0.87 55.05
N ARG A 584 18.45 1.75 55.92
CA ARG A 584 18.24 1.38 57.32
C ARG A 584 17.11 0.36 57.46
N ARG A 585 16.03 0.53 56.71
CA ARG A 585 14.88 -0.37 56.81
C ARG A 585 15.21 -1.82 56.48
N ASP A 586 16.30 -2.07 55.74
CA ASP A 586 16.71 -3.43 55.41
C ASP A 586 15.63 -4.19 54.63
N GLY A 587 14.91 -3.49 53.77
CA GLY A 587 13.83 -4.12 53.03
C GLY A 587 14.24 -4.45 51.60
N LEU A 588 13.29 -4.27 50.68
CA LEU A 588 13.52 -4.64 49.28
C LEU A 588 14.64 -3.81 48.64
N TYR A 589 14.64 -2.50 48.89
CA TYR A 589 15.65 -1.64 48.31
C TYR A 589 17.04 -2.02 48.79
N ALA A 590 17.18 -2.28 50.09
CA ALA A 590 18.49 -2.64 50.62
C ALA A 590 19.01 -3.89 49.94
N GLU A 591 18.16 -4.92 49.84
CA GLU A 591 18.55 -6.16 49.21
C GLU A 591 19.01 -5.91 47.77
N MET A 592 18.19 -5.22 46.99
CA MET A 592 18.53 -4.96 45.60
C MET A 592 19.88 -4.27 45.48
N TRP A 593 20.07 -3.17 46.22
CA TRP A 593 21.29 -2.40 46.10
C TRP A 593 22.50 -3.23 46.52
N ALA A 594 22.42 -3.85 47.71
CA ALA A 594 23.55 -4.63 48.20
C ALA A 594 23.94 -5.69 47.17
N ARG A 595 22.93 -6.41 46.65
CA ARG A 595 23.22 -7.49 45.72
C ARG A 595 23.92 -6.95 44.48
N GLN A 596 23.41 -5.83 43.96
CA GLN A 596 23.97 -5.28 42.73
C GLN A 596 25.42 -4.84 42.95
N ALA A 597 25.70 -4.27 44.12
CA ALA A 597 27.05 -3.78 44.42
C ALA A 597 28.08 -4.89 44.30
N ALA A 598 27.80 -6.04 44.90
CA ALA A 598 28.75 -7.15 44.92
C ALA A 598 29.15 -7.59 43.52
N ASP B 15 10.25 0.95 -23.60
CA ASP B 15 8.86 1.38 -23.73
C ASP B 15 7.92 0.20 -23.45
N GLY B 16 6.63 0.41 -23.72
CA GLY B 16 5.64 -0.65 -23.53
C GLY B 16 5.93 -1.91 -24.31
N TRP B 17 6.51 -1.77 -25.51
CA TRP B 17 6.78 -2.92 -26.35
C TRP B 17 7.72 -3.90 -25.66
N GLN B 18 8.72 -3.39 -24.97
CA GLN B 18 9.67 -4.26 -24.29
C GLN B 18 8.99 -4.98 -23.14
N THR B 19 8.14 -4.25 -22.40
CA THR B 19 7.40 -4.84 -21.29
C THR B 19 6.52 -5.99 -21.77
N LEU B 20 5.78 -5.77 -22.85
CA LEU B 20 4.92 -6.85 -23.34
C LEU B 20 5.72 -8.02 -23.85
N LYS B 21 6.84 -7.78 -24.54
CA LYS B 21 7.64 -8.89 -25.01
C LYS B 21 8.20 -9.70 -23.85
N ARG B 22 8.57 -9.02 -22.76
CA ARG B 22 9.00 -9.75 -21.58
C ARG B 22 7.85 -10.53 -20.95
N PHE B 23 6.65 -9.96 -20.95
CA PHE B 23 5.53 -10.62 -20.28
C PHE B 23 4.98 -11.81 -21.04
N LEU B 24 5.22 -11.87 -22.35
CA LEU B 24 4.60 -12.92 -23.16
C LEU B 24 4.94 -14.38 -22.80
N PRO B 25 6.16 -14.73 -22.39
CA PRO B 25 6.42 -16.13 -21.97
C PRO B 25 5.55 -16.68 -20.86
N TYR B 26 5.05 -15.82 -19.97
CA TYR B 26 4.14 -16.23 -18.90
C TYR B 26 2.79 -16.72 -19.44
N LEU B 27 2.33 -16.12 -20.52
CA LEU B 27 1.07 -16.50 -21.15
C LEU B 27 1.14 -17.84 -21.86
N TRP B 28 2.29 -18.27 -22.39
CA TRP B 28 2.32 -19.53 -23.12
C TRP B 28 3.27 -20.58 -22.52
N PRO B 29 2.87 -21.16 -21.38
CA PRO B 29 3.79 -21.90 -20.51
C PRO B 29 4.40 -23.11 -21.20
N ALA B 30 5.24 -23.87 -20.50
CA ALA B 30 5.95 -24.94 -21.19
C ALA B 30 6.07 -26.21 -20.37
N ASP B 31 5.41 -26.32 -19.22
CA ASP B 31 5.42 -27.56 -18.44
C ASP B 31 4.05 -28.14 -18.12
N ASN B 32 2.98 -27.33 -18.12
CA ASN B 32 1.66 -27.85 -17.81
C ASN B 32 1.05 -28.60 -18.99
N ALA B 33 1.02 -27.96 -20.15
CA ALA B 33 0.50 -28.43 -21.43
C ALA B 33 -1.03 -28.39 -21.42
N VAL B 34 -1.67 -28.45 -20.26
CA VAL B 34 -3.12 -28.46 -20.16
C VAL B 34 -3.60 -27.06 -20.56
N LEU B 35 -2.93 -26.06 -20.01
CA LEU B 35 -3.24 -24.66 -20.27
C LEU B 35 -2.98 -24.27 -21.72
N ARG B 36 -1.96 -24.87 -22.34
CA ARG B 36 -1.65 -24.58 -23.73
C ARG B 36 -2.79 -24.96 -24.67
N ARG B 37 -3.43 -26.10 -24.45
CA ARG B 37 -4.60 -26.43 -25.24
C ARG B 37 -5.72 -25.40 -25.05
N ARG B 38 -5.95 -24.96 -23.81
CA ARG B 38 -7.01 -23.99 -23.54
C ARG B 38 -6.79 -22.67 -24.26
N VAL B 39 -5.54 -22.22 -24.35
CA VAL B 39 -5.28 -20.97 -25.08
C VAL B 39 -5.64 -21.13 -26.55
N VAL B 40 -5.31 -22.28 -27.14
CA VAL B 40 -5.67 -22.54 -28.53
C VAL B 40 -7.18 -22.50 -28.70
N GLY B 41 -7.90 -23.16 -27.79
CA GLY B 41 -9.36 -23.16 -27.87
C GLY B 41 -9.93 -21.76 -27.78
N ALA B 42 -9.37 -20.93 -26.91
CA ALA B 42 -9.86 -19.56 -26.77
C ALA B 42 -9.65 -18.78 -28.06
N ILE B 43 -8.49 -18.96 -28.70
CA ILE B 43 -8.24 -18.26 -29.96
C ILE B 43 -9.21 -18.73 -31.03
N LEU B 44 -9.54 -20.02 -31.03
CA LEU B 44 -10.53 -20.52 -31.99
C LEU B 44 -11.89 -19.88 -31.77
N MET B 45 -12.30 -19.74 -30.50
CA MET B 45 -13.57 -19.09 -30.22
C MET B 45 -13.58 -17.65 -30.70
N VAL B 46 -12.47 -16.93 -30.50
CA VAL B 46 -12.33 -15.57 -30.99
C VAL B 46 -12.58 -15.52 -32.49
N LEU B 47 -11.98 -16.46 -33.21
CA LEU B 47 -12.11 -16.48 -34.67
C LEU B 47 -13.54 -16.75 -35.11
N LEU B 48 -14.23 -17.70 -34.47
CA LEU B 48 -15.63 -17.93 -34.81
C LEU B 48 -16.49 -16.69 -34.55
N GLY B 49 -16.29 -16.04 -33.41
CA GLY B 49 -17.09 -14.87 -33.09
C GLY B 49 -16.91 -13.75 -34.10
N LYS B 50 -15.66 -13.52 -34.51
CA LYS B 50 -15.42 -12.49 -35.51
C LYS B 50 -16.03 -12.86 -36.84
N ALA B 51 -15.92 -14.12 -37.26
CA ALA B 51 -16.52 -14.52 -38.52
C ALA B 51 -18.03 -14.29 -38.55
N THR B 52 -18.73 -14.65 -37.46
CA THR B 52 -20.18 -14.44 -37.43
C THR B 52 -20.53 -12.95 -37.49
N THR B 53 -19.85 -12.13 -36.68
CA THR B 53 -20.16 -10.70 -36.65
C THR B 53 -19.82 -10.03 -37.97
N LEU B 54 -18.84 -10.56 -38.70
CA LEU B 54 -18.54 -10.06 -40.04
C LEU B 54 -19.58 -10.47 -41.06
N ALA B 55 -20.11 -11.69 -40.95
CA ALA B 55 -21.08 -12.16 -41.94
C ALA B 55 -22.42 -11.44 -41.86
N LEU B 56 -22.94 -11.21 -40.65
CA LEU B 56 -24.33 -10.72 -40.53
C LEU B 56 -24.70 -9.41 -41.24
N PRO B 57 -23.81 -8.43 -41.45
CA PRO B 57 -24.23 -7.26 -42.24
C PRO B 57 -24.46 -7.54 -43.70
N PHE B 58 -23.77 -8.49 -44.32
CA PHE B 58 -24.08 -8.81 -45.71
C PHE B 58 -25.52 -9.30 -45.81
N ALA B 59 -25.94 -10.13 -44.85
CA ALA B 59 -27.32 -10.61 -44.80
C ALA B 59 -28.29 -9.45 -44.62
N TYR B 60 -27.88 -8.41 -43.89
CA TYR B 60 -28.81 -7.30 -43.71
C TYR B 60 -28.94 -6.50 -45.02
N LYS B 61 -27.81 -6.25 -45.69
CA LYS B 61 -27.86 -5.47 -46.93
C LYS B 61 -28.77 -6.18 -47.92
N LYS B 62 -28.63 -7.51 -48.02
CA LYS B 62 -29.45 -8.24 -48.98
C LYS B 62 -30.92 -8.22 -48.56
N ALA B 63 -31.20 -8.30 -47.26
CA ALA B 63 -32.58 -8.23 -46.80
C ALA B 63 -33.22 -6.91 -47.22
N VAL B 64 -32.46 -5.82 -47.15
CA VAL B 64 -32.97 -4.53 -47.63
C VAL B 64 -33.15 -4.55 -49.15
N ASP B 65 -32.19 -5.14 -49.86
CA ASP B 65 -32.27 -5.20 -51.31
C ASP B 65 -33.50 -5.96 -51.80
N ALA B 66 -33.84 -7.07 -51.14
CA ALA B 66 -35.00 -7.85 -51.55
C ALA B 66 -36.31 -7.08 -51.45
N MET B 67 -36.52 -6.39 -50.32
CA MET B 67 -37.83 -5.82 -50.06
C MET B 67 -38.21 -4.73 -51.06
N THR B 68 -37.23 -3.96 -51.55
CA THR B 68 -37.51 -2.86 -52.45
C THR B 68 -37.23 -3.29 -53.89
N LEU B 69 -38.05 -2.78 -54.82
CA LEU B 69 -37.86 -2.98 -56.26
C LEU B 69 -37.78 -4.46 -56.62
N GLY B 70 -38.88 -5.16 -56.39
CA GLY B 70 -39.03 -6.54 -56.83
C GLY B 70 -39.05 -7.52 -55.67
N GLY B 71 -39.08 -8.80 -56.04
CA GLY B 71 -39.07 -9.87 -55.06
C GLY B 71 -39.14 -11.25 -55.67
N GLY B 72 -38.40 -12.20 -55.08
CA GLY B 72 -38.42 -13.58 -55.54
C GLY B 72 -39.73 -14.29 -55.30
N ALA B 73 -40.15 -14.40 -54.05
CA ALA B 73 -41.45 -15.00 -53.72
C ALA B 73 -42.02 -14.30 -52.49
N GLN B 74 -43.21 -13.72 -52.66
CA GLN B 74 -43.98 -13.13 -51.57
C GLN B 74 -43.19 -12.02 -50.88
N PRO B 75 -42.73 -11.02 -51.62
CA PRO B 75 -41.66 -10.16 -51.11
C PRO B 75 -42.18 -9.22 -50.04
N ALA B 76 -42.94 -9.73 -49.09
CA ALA B 76 -43.49 -8.89 -48.04
C ALA B 76 -43.42 -9.51 -46.66
N LEU B 77 -43.69 -10.82 -46.52
CA LEU B 77 -43.59 -11.40 -45.19
C LEU B 77 -42.57 -12.53 -45.05
N THR B 78 -42.58 -13.51 -45.97
CA THR B 78 -41.63 -14.61 -45.83
C THR B 78 -40.17 -14.19 -46.00
N VAL B 79 -39.86 -13.42 -47.04
CA VAL B 79 -38.46 -13.02 -47.25
C VAL B 79 -37.93 -12.12 -46.13
N ALA B 80 -38.71 -11.10 -45.75
CA ALA B 80 -38.26 -10.19 -44.70
C ALA B 80 -38.11 -10.83 -43.32
N LEU B 81 -39.05 -11.69 -42.93
CA LEU B 81 -38.96 -12.36 -41.63
C LEU B 81 -37.69 -13.20 -41.50
N ALA B 82 -37.39 -14.03 -42.50
CA ALA B 82 -36.23 -14.90 -42.40
C ALA B 82 -34.95 -14.11 -42.19
N PHE B 83 -34.77 -13.04 -42.97
CA PHE B 83 -33.54 -12.27 -42.88
C PHE B 83 -33.44 -11.42 -41.62
N VAL B 84 -34.54 -10.81 -41.16
CA VAL B 84 -34.45 -10.10 -39.89
C VAL B 84 -34.16 -11.06 -38.75
N LEU B 85 -34.78 -12.25 -38.76
CA LEU B 85 -34.52 -13.22 -37.71
C LEU B 85 -33.06 -13.65 -37.73
N ALA B 86 -32.51 -13.85 -38.93
CA ALA B 86 -31.10 -14.22 -39.05
C ALA B 86 -30.21 -13.12 -38.49
N TYR B 87 -30.60 -11.87 -38.70
CA TYR B 87 -29.83 -10.74 -38.20
C TYR B 87 -29.78 -10.74 -36.68
N ALA B 88 -30.95 -10.91 -36.06
CA ALA B 88 -31.00 -10.94 -34.60
C ALA B 88 -30.20 -12.10 -34.04
N LEU B 89 -30.39 -13.30 -34.60
CA LEU B 89 -29.64 -14.46 -34.12
C LEU B 89 -28.14 -14.26 -34.27
N GLY B 90 -27.70 -13.58 -35.32
CA GLY B 90 -26.28 -13.33 -35.48
C GLY B 90 -25.75 -12.42 -34.39
N ARG B 91 -26.50 -11.36 -34.10
CA ARG B 91 -26.09 -10.43 -33.06
C ARG B 91 -25.94 -11.17 -31.73
N PHE B 92 -26.95 -11.93 -31.35
CA PHE B 92 -26.90 -12.68 -30.10
C PHE B 92 -25.73 -13.67 -30.07
N SER B 93 -25.48 -14.36 -31.19
CA SER B 93 -24.43 -15.37 -31.24
C SER B 93 -23.06 -14.77 -31.05
N GLY B 94 -22.81 -13.57 -31.55
CA GLY B 94 -21.51 -12.96 -31.34
C GLY B 94 -21.22 -12.72 -29.86
N VAL B 95 -22.20 -12.16 -29.15
CA VAL B 95 -22.03 -11.95 -27.71
C VAL B 95 -21.80 -13.28 -27.01
N LEU B 96 -22.56 -14.30 -27.40
CA LEU B 96 -22.43 -15.59 -26.73
C LEU B 96 -21.01 -16.13 -26.86
N PHE B 97 -20.44 -16.06 -28.08
CA PHE B 97 -19.07 -16.51 -28.28
C PHE B 97 -18.08 -15.69 -27.45
N ASP B 98 -18.30 -14.38 -27.36
CA ASP B 98 -17.37 -13.53 -26.61
C ASP B 98 -17.35 -13.92 -25.13
N ASN B 99 -18.52 -14.09 -24.53
CA ASN B 99 -18.55 -14.50 -23.13
C ASN B 99 -17.99 -15.90 -22.95
N LEU B 100 -18.18 -16.78 -23.93
CA LEU B 100 -17.59 -18.10 -23.81
C LEU B 100 -16.07 -18.05 -23.85
N ARG B 101 -15.48 -17.18 -24.67
CA ARG B 101 -14.03 -17.09 -24.66
C ARG B 101 -13.54 -16.56 -23.32
N ASN B 102 -14.25 -15.60 -22.73
CA ASN B 102 -13.81 -15.07 -21.44
C ASN B 102 -13.81 -16.16 -20.37
N ILE B 103 -14.89 -16.93 -20.31
CA ILE B 103 -14.98 -18.00 -19.31
C ILE B 103 -13.88 -19.02 -19.51
N VAL B 104 -13.62 -19.44 -20.76
CA VAL B 104 -12.56 -20.41 -21.00
C VAL B 104 -11.17 -19.87 -20.64
N PHE B 105 -10.89 -18.61 -20.98
CA PHE B 105 -9.56 -18.04 -20.79
C PHE B 105 -9.20 -17.69 -19.34
N GLU B 106 -10.18 -17.39 -18.50
CA GLU B 106 -9.92 -16.79 -17.19
C GLU B 106 -8.88 -17.52 -16.31
N ARG B 107 -8.80 -18.85 -16.36
CA ARG B 107 -7.83 -19.62 -15.57
C ARG B 107 -6.36 -19.32 -15.90
N VAL B 108 -6.04 -19.11 -17.17
CA VAL B 108 -4.65 -18.84 -17.55
C VAL B 108 -4.14 -17.55 -16.92
N GLY B 109 -4.95 -16.50 -16.92
CA GLY B 109 -4.50 -15.25 -16.34
C GLY B 109 -4.16 -15.38 -14.88
N GLN B 110 -5.03 -16.05 -14.12
CA GLN B 110 -4.81 -16.21 -12.69
C GLN B 110 -3.52 -16.99 -12.43
N ASP B 111 -3.27 -18.05 -13.21
CA ASP B 111 -2.04 -18.80 -12.99
C ASP B 111 -0.81 -17.94 -13.30
N ALA B 112 -0.87 -17.18 -14.38
CA ALA B 112 0.28 -16.37 -14.78
C ALA B 112 0.61 -15.34 -13.72
N THR B 113 -0.40 -14.61 -13.24
CA THR B 113 -0.14 -13.60 -12.22
C THR B 113 0.31 -14.21 -10.91
N ARG B 114 -0.14 -15.43 -10.58
CA ARG B 114 0.34 -16.05 -9.35
C ARG B 114 1.83 -16.34 -9.44
N HIS B 115 2.28 -16.90 -10.58
CA HIS B 115 3.71 -17.17 -10.71
C HIS B 115 4.54 -15.89 -10.72
N LEU B 116 4.04 -14.83 -11.34
CA LEU B 116 4.76 -13.57 -11.30
C LEU B 116 4.91 -13.04 -9.88
N ALA B 117 3.82 -13.03 -9.10
CA ALA B 117 3.93 -12.56 -7.73
C ALA B 117 4.90 -13.41 -6.90
N GLU B 118 4.85 -14.72 -7.08
CA GLU B 118 5.73 -15.59 -6.31
C GLU B 118 7.20 -15.33 -6.62
N ASN B 119 7.52 -15.13 -7.90
CA ASN B 119 8.88 -14.80 -8.29
C ASN B 119 9.35 -13.48 -7.72
N VAL B 120 8.49 -12.45 -7.75
CA VAL B 120 8.91 -11.17 -7.18
C VAL B 120 9.17 -11.30 -5.68
N PHE B 121 8.34 -12.08 -4.98
CA PHE B 121 8.54 -12.23 -3.53
C PHE B 121 9.87 -12.90 -3.22
N ALA B 122 10.14 -14.01 -3.90
CA ALA B 122 11.39 -14.72 -3.67
C ALA B 122 12.61 -13.86 -3.99
N ARG B 123 12.57 -13.15 -5.11
CA ARG B 123 13.71 -12.29 -5.41
C ARG B 123 13.88 -11.21 -4.35
N LEU B 124 12.79 -10.62 -3.87
CA LEU B 124 12.93 -9.59 -2.85
C LEU B 124 13.59 -10.12 -1.59
N HIS B 125 13.31 -11.38 -1.24
CA HIS B 125 14.00 -12.00 -0.09
C HIS B 125 15.47 -12.31 -0.36
N LYS B 126 15.83 -12.65 -1.59
CA LYS B 126 17.24 -12.90 -1.90
C LYS B 126 18.14 -11.67 -1.90
N LEU B 127 17.61 -10.46 -2.05
CA LEU B 127 18.53 -9.32 -2.22
C LEU B 127 19.27 -8.95 -0.94
N SER B 128 20.21 -8.04 -1.11
CA SER B 128 21.18 -7.59 -0.11
C SER B 128 20.54 -6.66 0.90
N LEU B 129 21.08 -6.67 2.13
CA LEU B 129 20.56 -5.78 3.16
C LEU B 129 20.67 -4.30 2.81
N ARG B 130 21.68 -3.89 2.02
CA ARG B 130 21.82 -2.45 1.83
C ARG B 130 20.64 -1.87 1.09
N PHE B 131 19.82 -2.70 0.48
CA PHE B 131 18.58 -2.25 -0.16
C PHE B 131 17.52 -1.84 0.85
N HIS B 132 17.03 -2.82 1.61
CA HIS B 132 16.25 -2.62 2.83
C HIS B 132 16.68 -1.41 3.63
N LEU B 133 17.95 -1.30 3.99
CA LEU B 133 18.17 -0.15 4.87
C LEU B 133 18.16 1.19 4.15
N ALA B 134 17.78 1.24 2.87
CA ALA B 134 17.68 2.52 2.18
C ALA B 134 16.28 2.87 1.67
N ARG B 135 15.20 2.30 2.21
CA ARG B 135 13.94 2.61 1.53
C ARG B 135 12.74 2.62 2.48
N ARG B 136 11.61 3.06 1.94
CA ARG B 136 10.35 3.14 2.65
C ARG B 136 9.45 1.92 2.48
N THR B 137 8.83 1.49 3.59
CA THR B 137 7.97 0.31 3.59
C THR B 137 6.78 0.48 2.63
N GLY B 138 6.19 1.67 2.66
CA GLY B 138 5.01 1.97 1.86
C GLY B 138 5.22 1.84 0.37
N GLU B 139 6.37 2.25 -0.14
CA GLU B 139 6.59 2.17 -1.58
C GLU B 139 6.59 0.72 -2.05
N VAL B 140 7.33 -0.15 -1.39
CA VAL B 140 7.35 -1.55 -1.83
C VAL B 140 5.96 -2.19 -1.70
N THR B 141 5.26 -1.97 -0.58
CA THR B 141 3.94 -2.58 -0.45
C THR B 141 2.98 -2.06 -1.53
N LYS B 142 3.05 -0.77 -1.82
CA LYS B 142 2.19 -0.18 -2.83
C LYS B 142 2.49 -0.75 -4.20
N VAL B 143 3.77 -0.87 -4.54
CA VAL B 143 4.12 -1.39 -5.85
C VAL B 143 3.64 -2.83 -6.04
N ILE B 144 3.83 -3.71 -5.05
CA ILE B 144 3.35 -5.07 -5.29
C ILE B 144 1.82 -5.18 -5.38
N GLU B 145 1.07 -4.47 -4.50
CA GLU B 145 -0.38 -4.52 -4.63
C GLU B 145 -0.87 -3.93 -5.96
N ARG B 146 -0.39 -2.73 -6.26
CA ARG B 146 -0.79 -2.01 -7.44
C ARG B 146 -0.47 -2.82 -8.68
N GLY B 147 0.75 -3.39 -8.73
CA GLY B 147 1.15 -4.16 -9.88
C GLY B 147 0.34 -5.41 -10.13
N THR B 148 -0.03 -6.16 -9.09
CA THR B 148 -0.86 -7.32 -9.41
C THR B 148 -2.22 -6.89 -9.99
N LYS B 149 -2.85 -5.88 -9.39
CA LYS B 149 -4.14 -5.43 -9.94
C LYS B 149 -3.97 -4.91 -11.37
N SER B 150 -2.86 -4.18 -11.59
CA SER B 150 -2.52 -3.58 -12.86
C SER B 150 -2.36 -4.61 -13.95
N ILE B 151 -1.57 -5.64 -13.71
CA ILE B 151 -1.34 -6.63 -14.75
C ILE B 151 -2.64 -7.36 -15.08
N ASP B 152 -3.49 -7.64 -14.08
CA ASP B 152 -4.71 -8.35 -14.48
C ASP B 152 -5.60 -7.48 -15.37
N THR B 153 -5.89 -6.24 -14.95
CA THR B 153 -6.75 -5.39 -15.76
C THR B 153 -6.16 -5.13 -17.14
N MET B 154 -4.85 -4.85 -17.18
CA MET B 154 -4.20 -4.51 -18.44
C MET B 154 -4.20 -5.69 -19.39
N LEU B 155 -3.93 -6.90 -18.88
CA LEU B 155 -3.92 -8.05 -19.74
C LEU B 155 -5.27 -8.27 -20.39
N TYR B 156 -6.35 -8.17 -19.61
CA TYR B 156 -7.65 -8.41 -20.21
C TYR B 156 -7.99 -7.37 -21.29
N PHE B 157 -7.90 -6.08 -20.93
CA PHE B 157 -8.23 -5.04 -21.91
C PHE B 157 -7.33 -5.07 -23.15
N LEU B 158 -6.02 -5.24 -22.95
CA LEU B 158 -5.06 -5.27 -24.05
C LEU B 158 -5.30 -6.45 -24.99
N LEU B 159 -5.45 -7.64 -24.43
CA LEU B 159 -5.53 -8.85 -25.24
C LEU B 159 -6.84 -8.95 -26.00
N PHE B 160 -7.96 -8.57 -25.42
CA PHE B 160 -9.21 -8.98 -26.06
C PHE B 160 -9.98 -7.82 -26.67
N ASN B 161 -9.35 -6.66 -26.84
CA ASN B 161 -10.02 -5.55 -27.53
C ASN B 161 -9.11 -4.85 -28.53
N ILE B 162 -8.07 -5.51 -29.04
CA ILE B 162 -7.18 -4.89 -30.02
C ILE B 162 -7.00 -5.79 -31.26
N ALA B 163 -6.68 -7.07 -31.04
CA ALA B 163 -6.39 -7.98 -32.13
C ALA B 163 -7.59 -8.20 -33.05
N PRO B 164 -8.80 -8.45 -32.53
CA PRO B 164 -9.95 -8.60 -33.43
C PRO B 164 -10.17 -7.39 -34.31
N THR B 165 -9.94 -6.17 -33.81
CA THR B 165 -10.08 -5.01 -34.69
C THR B 165 -9.09 -5.06 -35.85
N VAL B 166 -7.89 -5.59 -35.63
CA VAL B 166 -6.93 -5.73 -36.73
C VAL B 166 -7.44 -6.75 -37.75
N ILE B 167 -7.96 -7.87 -37.24
CA ILE B 167 -8.52 -8.90 -38.12
C ILE B 167 -9.65 -8.32 -38.96
N GLU B 168 -10.57 -7.62 -38.31
CA GLU B 168 -11.70 -7.02 -39.00
C GLU B 168 -11.24 -5.99 -40.03
N LEU B 169 -10.21 -5.21 -39.72
CA LEU B 169 -9.77 -4.20 -40.69
C LEU B 169 -9.21 -4.87 -41.93
N THR B 170 -8.42 -5.93 -41.75
CA THR B 170 -7.88 -6.61 -42.92
C THR B 170 -9.00 -7.23 -43.74
N ALA B 171 -9.95 -7.87 -43.05
CA ALA B 171 -11.08 -8.50 -43.72
C ALA B 171 -11.90 -7.50 -44.52
N VAL B 172 -12.19 -6.34 -43.93
CA VAL B 172 -12.93 -5.30 -44.64
C VAL B 172 -12.16 -4.84 -45.87
N ILE B 173 -10.84 -4.76 -45.76
CA ILE B 173 -10.02 -4.39 -46.92
C ILE B 173 -10.22 -5.40 -48.03
N VAL B 174 -10.17 -6.68 -47.67
CA VAL B 174 -10.34 -7.76 -48.64
C VAL B 174 -11.72 -7.65 -49.30
N ILE B 175 -12.75 -7.44 -48.49
CA ILE B 175 -14.12 -7.41 -49.02
C ILE B 175 -14.28 -6.24 -49.99
N PHE B 176 -13.77 -5.06 -49.62
CA PHE B 176 -13.82 -3.92 -50.54
C PHE B 176 -13.09 -4.27 -51.83
N TRP B 177 -12.01 -5.04 -51.72
CA TRP B 177 -11.24 -5.44 -52.90
C TRP B 177 -12.14 -6.25 -53.82
N LEU B 178 -12.72 -7.30 -53.28
CA LEU B 178 -13.55 -8.22 -54.05
C LEU B 178 -14.78 -7.54 -54.65
N ASN B 179 -15.39 -6.58 -53.95
CA ASN B 179 -16.71 -6.10 -54.36
C ASN B 179 -16.75 -4.71 -55.00
N PHE B 180 -15.63 -4.00 -55.12
CA PHE B 180 -15.68 -2.65 -55.66
C PHE B 180 -14.35 -2.29 -56.32
N GLY B 181 -14.26 -1.05 -56.80
CA GLY B 181 -13.00 -0.51 -57.27
C GLY B 181 -12.22 0.15 -56.14
N LEU B 182 -10.91 0.26 -56.34
CA LEU B 182 -10.04 0.39 -55.19
C LEU B 182 -9.85 1.81 -54.69
N GLY B 183 -10.64 2.80 -55.16
CA GLY B 183 -10.52 4.12 -54.56
C GLY B 183 -10.81 4.08 -53.08
N LEU B 184 -11.69 3.16 -52.67
CA LEU B 184 -12.01 2.94 -51.27
C LEU B 184 -10.81 2.43 -50.52
N VAL B 185 -10.07 1.50 -51.13
CA VAL B 185 -8.90 0.92 -50.50
C VAL B 185 -7.87 2.00 -50.21
N THR B 186 -7.57 2.83 -51.20
CA THR B 186 -6.60 3.90 -50.99
C THR B 186 -7.10 4.89 -49.94
N ALA B 187 -8.40 5.17 -49.94
CA ALA B 187 -8.94 6.11 -48.95
C ALA B 187 -8.76 5.57 -47.53
N THR B 188 -9.08 4.29 -47.33
CA THR B 188 -8.87 3.69 -46.01
C THR B 188 -7.39 3.61 -45.65
N ILE B 189 -6.54 3.34 -46.62
CA ILE B 189 -5.11 3.25 -46.35
C ILE B 189 -4.60 4.60 -45.84
N LEU B 190 -4.99 5.67 -46.53
CA LEU B 190 -4.59 7.01 -46.07
C LEU B 190 -5.15 7.31 -44.70
N ALA B 191 -6.38 6.85 -44.44
CA ALA B 191 -7.00 7.11 -43.14
C ALA B 191 -6.21 6.45 -42.03
N VAL B 192 -5.82 5.20 -42.23
CA VAL B 192 -5.03 4.48 -41.22
C VAL B 192 -3.67 5.13 -41.02
N ILE B 193 -3.02 5.55 -42.11
CA ILE B 193 -1.68 6.13 -41.98
C ILE B 193 -1.74 7.42 -41.17
N ALA B 194 -2.71 8.29 -41.48
CA ALA B 194 -2.88 9.51 -40.71
C ALA B 194 -3.21 9.20 -39.25
N TYR B 195 -4.04 8.18 -39.02
CA TYR B 195 -4.47 7.85 -37.67
C TYR B 195 -3.28 7.48 -36.80
N VAL B 196 -2.44 6.59 -37.31
CA VAL B 196 -1.28 6.13 -36.55
C VAL B 196 -0.30 7.27 -36.32
N TRP B 197 0.03 8.04 -37.36
CA TRP B 197 1.00 9.11 -37.17
C TRP B 197 0.55 10.12 -36.12
N THR B 198 -0.72 10.56 -36.19
CA THR B 198 -1.24 11.52 -35.23
C THR B 198 -1.22 10.95 -33.81
N THR B 199 -1.71 9.72 -33.65
CA THR B 199 -1.77 9.13 -32.31
C THR B 199 -0.39 9.05 -31.70
N ARG B 200 0.61 8.66 -32.49
CA ARG B 200 1.96 8.53 -31.95
C ARG B 200 2.49 9.87 -31.46
N THR B 201 2.46 10.90 -32.30
CA THR B 201 3.05 12.16 -31.88
C THR B 201 2.35 12.78 -30.68
N ILE B 202 1.01 12.69 -30.61
CA ILE B 202 0.35 13.22 -29.42
C ILE B 202 0.74 12.42 -28.17
N THR B 203 0.78 11.09 -28.29
CA THR B 203 1.10 10.28 -27.10
C THR B 203 2.48 10.65 -26.60
N GLU B 204 3.38 10.96 -27.54
CA GLU B 204 4.74 11.36 -27.19
C GLU B 204 4.73 12.62 -26.34
N TRP B 205 3.98 13.63 -26.76
CA TRP B 205 3.86 14.84 -25.94
C TRP B 205 3.30 14.54 -24.54
N ARG B 206 2.25 13.73 -24.46
CA ARG B 206 1.60 13.36 -23.18
C ARG B 206 2.45 12.60 -22.15
N THR B 207 3.35 11.72 -22.61
CA THR B 207 4.15 10.89 -21.69
C THR B 207 5.10 11.66 -20.76
N HIS B 208 5.72 12.74 -21.22
CA HIS B 208 6.57 13.50 -20.30
C HIS B 208 5.80 14.01 -19.09
N LEU B 209 4.62 14.58 -19.29
CA LEU B 209 3.80 15.02 -18.17
C LEU B 209 3.36 13.85 -17.28
N ARG B 210 3.10 12.69 -17.90
CA ARG B 210 2.67 11.51 -17.13
C ARG B 210 3.74 11.03 -16.14
N GLU B 211 4.99 10.99 -16.56
CA GLU B 211 6.04 10.51 -15.64
C GLU B 211 6.18 11.42 -14.41
N LYS B 212 6.11 12.74 -14.61
CA LYS B 212 6.15 13.68 -13.50
C LYS B 212 5.00 13.46 -12.54
N MET B 213 3.79 13.30 -13.08
CA MET B 213 2.65 13.03 -12.20
C MET B 213 2.90 11.81 -11.31
N ASN B 214 3.39 10.73 -11.91
CA ASN B 214 3.56 9.50 -11.15
C ASN B 214 4.61 9.63 -10.05
N ARG B 215 5.73 10.28 -10.35
CA ARG B 215 6.75 10.47 -9.31
C ARG B 215 6.24 11.33 -8.16
N LEU B 216 5.47 12.37 -8.47
CA LEU B 216 4.94 13.22 -7.40
C LEU B 216 4.00 12.44 -6.49
N ASP B 217 3.16 11.59 -7.07
CA ASP B 217 2.28 10.77 -6.25
C ASP B 217 3.06 9.83 -5.33
N GLY B 218 4.08 9.17 -5.88
CA GLY B 218 4.86 8.26 -5.05
C GLY B 218 5.52 8.95 -3.87
N GLN B 219 6.04 10.16 -4.09
CA GLN B 219 6.69 10.89 -3.00
C GLN B 219 5.69 11.27 -1.92
N ALA B 220 4.52 11.77 -2.32
CA ALA B 220 3.52 12.17 -1.34
C ALA B 220 3.10 10.99 -0.46
N LEU B 221 2.79 9.84 -1.11
CA LEU B 221 2.38 8.68 -0.33
C LEU B 221 3.46 8.23 0.65
N ALA B 222 4.73 8.25 0.24
CA ALA B 222 5.78 7.85 1.18
C ALA B 222 5.84 8.78 2.38
N ARG B 223 5.68 10.07 2.15
CA ARG B 223 5.70 11.03 3.26
C ARG B 223 4.56 10.76 4.24
N ALA B 224 3.37 10.52 3.70
CA ALA B 224 2.21 10.21 4.53
C ALA B 224 2.44 8.97 5.38
N VAL B 225 2.98 7.90 4.77
CA VAL B 225 3.17 6.67 5.55
C VAL B 225 4.17 6.90 6.67
N ASP B 226 5.25 7.65 6.41
CA ASP B 226 6.22 7.90 7.48
C ASP B 226 5.60 8.72 8.62
N SER B 227 4.68 9.61 8.28
CA SER B 227 3.99 10.38 9.31
C SER B 227 3.17 9.43 10.17
N LEU B 228 2.39 8.57 9.53
CA LEU B 228 1.52 7.67 10.29
C LEU B 228 2.36 6.73 11.15
N LEU B 229 3.50 6.26 10.63
CA LEU B 229 4.38 5.35 11.33
C LEU B 229 5.08 5.99 12.54
N ASN B 230 5.07 7.31 12.67
CA ASN B 230 5.73 7.95 13.82
C ASN B 230 4.71 8.64 14.75
N TYR B 231 3.58 7.95 14.95
CA TYR B 231 2.46 8.50 15.72
C TYR B 231 2.84 8.90 17.14
N GLU B 232 3.63 8.08 17.84
CA GLU B 232 3.98 8.44 19.21
C GLU B 232 4.73 9.76 19.29
N THR B 233 5.78 9.91 18.48
CA THR B 233 6.58 11.12 18.54
C THR B 233 5.77 12.34 18.11
N VAL B 234 4.96 12.21 17.05
CA VAL B 234 4.14 13.34 16.64
C VAL B 234 3.19 13.76 17.75
N LYS B 235 2.59 12.80 18.46
CA LYS B 235 1.77 13.15 19.62
C LYS B 235 2.57 13.85 20.71
N TYR B 236 3.77 13.34 21.02
CA TYR B 236 4.55 13.92 22.11
C TYR B 236 4.83 15.41 21.93
N PHE B 237 5.01 15.87 20.69
CA PHE B 237 5.30 17.28 20.42
C PHE B 237 4.13 18.04 19.77
N GLY B 238 2.92 17.52 19.81
CA GLY B 238 1.78 18.30 19.29
C GLY B 238 1.91 18.84 17.89
N ALA B 239 2.48 18.05 16.98
CA ALA B 239 2.94 18.50 15.67
C ALA B 239 1.93 18.22 14.54
N GLU B 240 0.67 17.97 14.89
CA GLU B 240 -0.37 17.61 13.93
C GLU B 240 -0.52 18.61 12.78
N SER B 241 -0.60 19.90 13.10
CA SER B 241 -0.75 20.93 12.07
C SER B 241 0.39 20.90 11.06
N ARG B 242 1.62 20.67 11.50
CA ARG B 242 2.72 20.64 10.54
C ARG B 242 2.52 19.53 9.53
N GLU B 243 2.15 18.34 9.99
CA GLU B 243 1.92 17.23 9.08
C GLU B 243 0.73 17.46 8.17
N GLU B 244 -0.34 18.08 8.68
CA GLU B 244 -1.49 18.33 7.82
C GLU B 244 -1.15 19.28 6.68
N ALA B 245 -0.45 20.38 6.97
CA ALA B 245 -0.06 21.30 5.90
C ALA B 245 0.91 20.64 4.92
N ARG B 246 1.87 19.88 5.45
CA ARG B 246 2.86 19.21 4.62
C ARG B 246 2.20 18.25 3.63
N TYR B 247 1.21 17.49 4.08
CA TYR B 247 0.49 16.60 3.16
C TYR B 247 -0.34 17.40 2.16
N ALA B 248 -1.00 18.47 2.62
CA ALA B 248 -1.91 19.22 1.77
C ALA B 248 -1.21 19.83 0.56
N SER B 249 -0.01 20.37 0.75
CA SER B 249 0.70 20.97 -0.38
C SER B 249 1.01 19.95 -1.48
N ALA B 250 1.46 18.76 -1.09
CA ALA B 250 1.76 17.74 -2.09
C ALA B 250 0.49 17.35 -2.84
N ALA B 251 -0.63 17.25 -2.13
CA ALA B 251 -1.87 16.86 -2.78
C ALA B 251 -2.32 17.88 -3.82
N ARG B 252 -2.14 19.17 -3.51
CA ARG B 252 -2.47 20.20 -4.50
C ARG B 252 -1.56 20.13 -5.74
N ALA B 253 -0.26 19.95 -5.53
CA ALA B 253 0.65 19.86 -6.68
C ALA B 253 0.23 18.71 -7.61
N TYR B 254 -0.07 17.55 -7.01
CA TYR B 254 -0.49 16.40 -7.79
C TYR B 254 -1.74 16.71 -8.60
N ALA B 255 -2.73 17.34 -7.97
CA ALA B 255 -3.98 17.61 -8.67
C ALA B 255 -3.75 18.50 -9.89
N ASP B 256 -2.87 19.50 -9.76
CA ASP B 256 -2.56 20.36 -10.91
C ASP B 256 -1.98 19.56 -12.07
N ALA B 257 -1.00 18.71 -11.78
CA ALA B 257 -0.40 17.92 -12.86
C ALA B 257 -1.45 17.04 -13.54
N ALA B 258 -2.36 16.49 -12.75
CA ALA B 258 -3.41 15.63 -13.31
C ALA B 258 -4.28 16.41 -14.29
N VAL B 259 -4.65 17.64 -13.91
CA VAL B 259 -5.48 18.46 -14.80
C VAL B 259 -4.81 18.67 -16.15
N LYS B 260 -3.50 18.99 -16.14
CA LYS B 260 -2.82 19.15 -17.43
C LYS B 260 -2.88 17.87 -18.27
N SER B 261 -2.68 16.71 -17.62
CA SER B 261 -2.64 15.46 -18.36
C SER B 261 -3.99 15.20 -19.05
N GLU B 262 -5.08 15.33 -18.30
CA GLU B 262 -6.38 15.04 -18.90
C GLU B 262 -6.74 16.03 -20.00
N ASN B 263 -6.31 17.29 -19.89
CA ASN B 263 -6.55 18.19 -21.02
C ASN B 263 -5.91 17.69 -22.31
N SER B 264 -4.64 17.27 -22.22
CA SER B 264 -4.00 16.77 -23.44
C SER B 264 -4.69 15.52 -23.99
N LEU B 265 -5.20 14.66 -23.10
CA LEU B 265 -5.96 13.50 -23.57
C LEU B 265 -7.23 13.91 -24.33
N GLY B 266 -7.92 14.92 -23.82
CA GLY B 266 -9.13 15.39 -24.51
C GLY B 266 -8.84 15.88 -25.92
N LEU B 267 -7.74 16.62 -26.08
CA LEU B 267 -7.40 17.10 -27.42
C LEU B 267 -7.12 15.93 -28.37
N LEU B 268 -6.38 14.93 -27.90
CA LEU B 268 -6.10 13.79 -28.79
C LEU B 268 -7.39 13.09 -29.22
N ASN B 269 -8.32 12.91 -28.29
CA ASN B 269 -9.57 12.22 -28.63
C ASN B 269 -10.36 13.00 -29.68
N ILE B 270 -10.43 14.33 -29.54
CA ILE B 270 -11.16 15.10 -30.54
C ILE B 270 -10.54 14.96 -31.93
N ALA B 271 -9.21 15.03 -32.02
CA ALA B 271 -8.58 14.86 -33.33
C ALA B 271 -8.89 13.49 -33.96
N GLN B 272 -8.82 12.43 -33.16
CA GLN B 272 -9.09 11.10 -33.71
C GLN B 272 -10.52 10.99 -34.24
N ALA B 273 -11.49 11.51 -33.48
CA ALA B 273 -12.87 11.42 -33.94
C ALA B 273 -13.11 12.24 -35.20
N LEU B 274 -12.39 13.36 -35.35
CA LEU B 274 -12.53 14.14 -36.59
C LEU B 274 -12.09 13.31 -37.78
N ILE B 275 -10.93 12.67 -37.68
CA ILE B 275 -10.45 11.86 -38.80
C ILE B 275 -11.45 10.77 -39.15
N VAL B 276 -11.89 10.01 -38.14
CA VAL B 276 -12.80 8.89 -38.39
C VAL B 276 -14.07 9.35 -39.09
N ASN B 277 -14.69 10.42 -38.59
CA ASN B 277 -15.97 10.84 -39.16
C ASN B 277 -15.80 11.45 -40.54
N LEU B 278 -14.66 12.08 -40.81
CA LEU B 278 -14.37 12.52 -42.18
C LEU B 278 -14.31 11.33 -43.14
N LEU B 279 -13.60 10.27 -42.76
CA LEU B 279 -13.51 9.12 -43.65
C LEU B 279 -14.88 8.53 -43.94
N MET B 280 -15.73 8.39 -42.91
CA MET B 280 -17.06 7.82 -43.16
C MET B 280 -17.87 8.72 -44.08
N ALA B 281 -17.82 10.03 -43.85
CA ALA B 281 -18.50 10.99 -44.71
C ALA B 281 -18.11 10.79 -46.17
N GLY B 282 -16.80 10.74 -46.43
CA GLY B 282 -16.34 10.58 -47.80
C GLY B 282 -16.82 9.30 -48.43
N ALA B 283 -16.69 8.19 -47.73
CA ALA B 283 -17.08 6.90 -48.31
C ALA B 283 -18.57 6.87 -48.64
N MET B 284 -19.42 7.26 -47.69
CA MET B 284 -20.85 7.20 -47.97
C MET B 284 -21.24 8.17 -49.09
N ALA B 285 -20.59 9.33 -49.15
CA ALA B 285 -20.87 10.28 -50.21
C ALA B 285 -20.53 9.70 -51.57
N TRP B 286 -19.36 9.08 -51.68
CA TRP B 286 -18.97 8.50 -52.96
C TRP B 286 -19.94 7.38 -53.35
N THR B 287 -20.42 6.63 -52.36
CA THR B 287 -21.37 5.56 -52.67
C THR B 287 -22.69 6.12 -53.21
N VAL B 288 -23.19 7.20 -52.62
CA VAL B 288 -24.42 7.81 -53.14
C VAL B 288 -24.19 8.33 -54.55
N TYR B 289 -23.03 8.93 -54.78
CA TYR B 289 -22.70 9.45 -56.11
C TYR B 289 -22.69 8.31 -57.13
N GLY B 290 -22.10 7.18 -56.76
CA GLY B 290 -22.12 6.01 -57.63
C GLY B 290 -23.52 5.48 -57.88
N TRP B 291 -24.38 5.53 -56.86
CA TRP B 291 -25.76 5.06 -56.98
C TRP B 291 -26.51 5.90 -58.00
N SER B 292 -26.22 7.20 -58.06
CA SER B 292 -26.94 8.09 -58.95
C SER B 292 -26.86 7.61 -60.40
N GLN B 293 -25.79 6.91 -60.77
CA GLN B 293 -25.59 6.41 -62.12
C GLN B 293 -26.13 4.99 -62.31
N GLY B 294 -26.87 4.43 -61.35
CA GLY B 294 -27.45 3.11 -61.51
C GLY B 294 -26.49 1.94 -61.45
N LYS B 295 -25.22 2.18 -61.17
CA LYS B 295 -24.25 1.09 -61.02
C LYS B 295 -24.58 0.22 -59.81
N LEU B 296 -25.03 0.84 -58.72
CA LEU B 296 -25.30 0.15 -57.46
C LEU B 296 -26.74 0.31 -57.01
N THR B 297 -27.23 -0.75 -56.39
CA THR B 297 -28.52 -0.81 -55.71
C THR B 297 -28.48 0.04 -54.44
N VAL B 298 -29.66 0.26 -53.85
CA VAL B 298 -29.78 1.02 -52.60
C VAL B 298 -29.31 0.20 -51.40
N GLY B 299 -29.29 -1.12 -51.50
CA GLY B 299 -28.75 -1.91 -50.41
C GLY B 299 -27.29 -1.58 -50.12
N ASP B 300 -26.54 -1.17 -51.15
CA ASP B 300 -25.12 -0.85 -50.96
C ASP B 300 -24.92 0.19 -49.87
N LEU B 301 -25.78 1.20 -49.81
CA LEU B 301 -25.65 2.25 -48.79
C LEU B 301 -25.69 1.65 -47.39
N VAL B 302 -26.73 0.87 -47.10
CA VAL B 302 -26.83 0.30 -45.76
C VAL B 302 -25.63 -0.61 -45.51
N PHE B 303 -25.22 -1.37 -46.53
CA PHE B 303 -24.09 -2.27 -46.36
C PHE B 303 -22.86 -1.49 -45.87
N VAL B 304 -22.49 -0.45 -46.60
CA VAL B 304 -21.28 0.29 -46.26
C VAL B 304 -21.43 0.88 -44.86
N ASN B 305 -22.56 1.53 -44.59
CA ASN B 305 -22.77 2.15 -43.28
C ASN B 305 -22.58 1.14 -42.17
N THR B 306 -23.28 0.00 -42.25
CA THR B 306 -23.22 -0.96 -41.16
C THR B 306 -21.79 -1.45 -40.99
N TYR B 307 -21.10 -1.74 -42.09
CA TYR B 307 -19.74 -2.27 -41.97
C TYR B 307 -18.88 -1.28 -41.20
N LEU B 308 -18.92 0.00 -41.61
CA LEU B 308 -18.04 0.98 -40.97
C LEU B 308 -18.39 1.13 -39.51
N THR B 309 -19.68 1.21 -39.17
CA THR B 309 -20.02 1.41 -37.76
C THR B 309 -19.58 0.21 -36.93
N GLN B 310 -19.81 -1.01 -37.43
CA GLN B 310 -19.42 -2.19 -36.67
C GLN B 310 -17.93 -2.19 -36.46
N LEU B 311 -17.17 -1.73 -37.47
CA LEU B 311 -15.73 -1.71 -37.38
C LEU B 311 -15.28 -0.73 -36.31
N PHE B 312 -15.87 0.47 -36.30
CA PHE B 312 -15.34 1.55 -35.49
C PHE B 312 -15.91 1.56 -34.09
N ARG B 313 -16.90 0.72 -33.79
CA ARG B 313 -17.48 0.72 -32.44
C ARG B 313 -16.48 0.26 -31.38
N PRO B 314 -15.67 -0.77 -31.62
CA PRO B 314 -14.65 -1.12 -30.63
C PRO B 314 -13.59 -0.05 -30.42
N LEU B 315 -13.31 0.78 -31.41
CA LEU B 315 -12.21 1.74 -31.27
C LEU B 315 -12.64 3.01 -30.55
N ASP B 316 -13.89 3.43 -30.72
CA ASP B 316 -14.36 4.61 -30.01
C ASP B 316 -14.39 4.39 -28.50
N MET B 317 -14.56 3.14 -28.07
CA MET B 317 -14.64 2.85 -26.64
C MET B 317 -13.31 3.08 -25.95
N LEU B 318 -12.20 2.71 -26.60
CA LEU B 318 -10.88 2.77 -26.00
C LEU B 318 -10.54 4.14 -25.42
N GLY B 319 -11.05 5.21 -26.03
CA GLY B 319 -10.73 6.56 -25.54
C GLY B 319 -11.13 6.82 -24.10
N MET B 320 -11.91 5.92 -23.50
CA MET B 320 -12.32 6.11 -22.12
C MET B 320 -11.71 5.09 -21.17
N VAL B 321 -10.73 4.31 -21.64
CA VAL B 321 -10.08 3.29 -20.82
C VAL B 321 -8.58 3.49 -21.04
N TYR B 322 -8.26 4.51 -21.85
CA TYR B 322 -6.88 4.81 -22.21
C TYR B 322 -6.06 5.11 -20.96
N ARG B 323 -6.54 6.05 -20.14
CA ARG B 323 -5.77 6.45 -18.97
C ARG B 323 -5.43 5.22 -18.14
N THR B 324 -6.41 4.35 -17.94
CA THR B 324 -6.21 3.22 -17.03
C THR B 324 -5.15 2.30 -17.63
N ILE B 325 -5.29 1.97 -18.92
CA ILE B 325 -4.35 1.03 -19.53
C ILE B 325 -2.94 1.60 -19.45
N ARG B 326 -2.81 2.91 -19.67
CA ARG B 326 -1.52 3.57 -19.64
C ARG B 326 -0.86 3.35 -18.29
N GLN B 327 -1.59 3.69 -17.22
CA GLN B 327 -1.03 3.56 -15.89
C GLN B 327 -0.66 2.10 -15.64
N GLY B 328 -1.49 1.19 -16.15
CA GLY B 328 -1.25 -0.22 -15.91
C GLY B 328 0.09 -0.62 -16.52
N LEU B 329 0.33 -0.17 -17.75
CA LEU B 329 1.55 -0.55 -18.45
C LEU B 329 2.75 -0.03 -17.67
N ILE B 330 2.63 1.20 -17.14
CA ILE B 330 3.72 1.79 -16.38
C ILE B 330 4.05 0.88 -15.20
N ASP B 331 3.01 0.49 -14.46
CA ASP B 331 3.22 -0.31 -13.26
C ASP B 331 3.83 -1.67 -13.59
N MET B 332 3.37 -2.30 -14.67
CA MET B 332 3.96 -3.58 -15.04
C MET B 332 5.44 -3.42 -15.39
N ALA B 333 5.82 -2.31 -16.02
CA ALA B 333 7.24 -2.05 -16.24
C ALA B 333 7.98 -1.93 -14.91
N GLU B 334 7.35 -1.26 -13.94
CA GLU B 334 7.99 -1.05 -12.64
C GLU B 334 8.31 -2.38 -11.96
N MET B 335 7.38 -3.33 -12.03
CA MET B 335 7.61 -4.61 -11.37
C MET B 335 8.82 -5.33 -11.96
N PHE B 336 8.94 -5.36 -13.29
CA PHE B 336 10.12 -5.98 -13.88
C PHE B 336 11.39 -5.24 -13.49
N ARG B 337 11.30 -3.91 -13.37
CA ARG B 337 12.50 -3.18 -12.97
C ARG B 337 12.96 -3.67 -11.61
N LEU B 338 12.01 -3.83 -10.68
CA LEU B 338 12.36 -4.34 -9.35
C LEU B 338 12.97 -5.73 -9.44
N ILE B 339 12.41 -6.58 -10.29
CA ILE B 339 12.86 -7.97 -10.43
C ILE B 339 14.30 -8.04 -10.96
N ASP B 340 14.72 -7.07 -11.77
CA ASP B 340 16.03 -7.09 -12.40
C ASP B 340 17.21 -6.65 -11.53
N THR B 341 17.01 -5.85 -10.49
CA THR B 341 18.14 -5.34 -9.70
C THR B 341 19.06 -6.46 -9.19
N HIS B 342 20.36 -6.20 -9.30
CA HIS B 342 21.43 -7.17 -9.08
C HIS B 342 21.83 -7.29 -7.62
N ILE B 343 22.29 -8.49 -7.25
CA ILE B 343 22.59 -8.88 -5.87
C ILE B 343 24.04 -8.59 -5.55
N GLU B 344 24.27 -7.69 -4.59
CA GLU B 344 25.63 -7.27 -4.24
C GLU B 344 26.49 -8.40 -3.69
N VAL B 345 25.95 -9.21 -2.79
CA VAL B 345 26.71 -10.29 -2.16
C VAL B 345 26.13 -11.64 -2.60
N ALA B 346 26.93 -12.41 -3.35
CA ALA B 346 26.48 -13.69 -3.88
C ALA B 346 27.49 -14.78 -3.54
N ASP B 347 27.00 -16.01 -3.44
CA ASP B 347 27.88 -17.16 -3.24
C ASP B 347 28.77 -17.37 -4.47
N VAL B 348 29.99 -17.81 -4.23
CA VAL B 348 30.89 -18.19 -5.33
C VAL B 348 30.42 -19.48 -5.99
N PRO B 349 30.80 -19.73 -7.24
CA PRO B 349 30.46 -20.99 -7.91
C PRO B 349 31.08 -22.22 -7.27
N ASN B 350 30.31 -23.29 -7.17
CA ASN B 350 30.74 -24.55 -6.55
C ASN B 350 31.21 -24.42 -5.11
N ALA B 351 30.58 -23.55 -4.33
CA ALA B 351 31.02 -23.37 -2.97
C ALA B 351 30.82 -24.66 -2.17
N PRO B 352 31.83 -25.13 -1.46
CA PRO B 352 31.65 -26.31 -0.60
C PRO B 352 30.86 -25.96 0.65
N ALA B 353 30.27 -26.99 1.27
CA ALA B 353 29.61 -26.78 2.56
C ALA B 353 30.62 -26.55 3.67
N LEU B 354 30.20 -25.80 4.69
CA LEU B 354 30.97 -25.64 5.91
C LEU B 354 30.96 -26.87 6.80
N VAL B 355 32.13 -27.22 7.31
CA VAL B 355 32.29 -28.35 8.23
C VAL B 355 32.90 -27.79 9.52
N VAL B 356 32.11 -27.71 10.59
CA VAL B 356 32.57 -27.13 11.85
C VAL B 356 33.06 -28.25 12.77
N ASN B 357 34.36 -28.49 12.79
CA ASN B 357 34.90 -29.48 13.73
C ASN B 357 35.51 -28.85 14.98
N ARG B 358 36.25 -27.75 14.83
CA ARG B 358 36.83 -27.00 15.95
C ARG B 358 36.50 -25.52 15.81
N PRO B 359 35.62 -24.98 16.62
CA PRO B 359 35.09 -23.63 16.38
C PRO B 359 36.01 -22.50 16.83
N SER B 360 37.18 -22.40 16.21
CA SER B 360 38.01 -21.21 16.41
C SER B 360 37.56 -20.11 15.46
N VAL B 361 37.81 -18.86 15.84
CA VAL B 361 37.54 -17.72 14.96
C VAL B 361 38.78 -16.86 14.78
N THR B 362 39.18 -16.62 13.54
CA THR B 362 40.32 -15.75 13.26
C THR B 362 39.86 -14.56 12.43
N PHE B 363 40.25 -13.35 12.87
CA PHE B 363 40.19 -12.13 12.07
C PHE B 363 41.58 -11.77 11.58
N ASP B 364 41.74 -11.67 10.26
CA ASP B 364 43.03 -11.43 9.61
C ASP B 364 43.04 -10.10 8.84
N ASN B 365 43.54 -9.06 9.49
CA ASN B 365 43.74 -7.72 8.92
C ASN B 365 42.51 -7.14 8.22
N VAL B 366 41.38 -7.17 8.91
CA VAL B 366 40.13 -6.74 8.29
C VAL B 366 40.07 -5.22 8.24
N VAL B 367 39.97 -4.66 7.04
CA VAL B 367 39.73 -3.23 6.82
C VAL B 367 38.35 -3.05 6.19
N PHE B 368 37.52 -2.19 6.79
CA PHE B 368 36.16 -2.06 6.29
C PHE B 368 35.54 -0.73 6.69
N GLY B 369 34.60 -0.27 5.87
CA GLY B 369 33.72 0.83 6.21
C GLY B 369 32.49 0.79 5.32
N TYR B 370 31.41 1.41 5.81
CA TYR B 370 30.19 1.44 5.00
C TYR B 370 30.31 2.29 3.74
N ASP B 371 31.02 3.40 3.82
CA ASP B 371 31.23 4.28 2.66
C ASP B 371 32.70 4.59 2.48
N ARG B 372 33.10 4.74 1.21
CA ARG B 372 34.52 4.83 0.89
C ARG B 372 35.19 6.07 1.47
N ASP B 373 34.41 7.03 1.95
CA ASP B 373 34.96 8.22 2.60
C ASP B 373 35.07 8.13 4.12
N ARG B 374 34.60 7.06 4.76
CA ARG B 374 34.81 6.88 6.20
C ARG B 374 35.26 5.48 6.59
N GLU B 375 36.57 5.29 6.78
CA GLU B 375 37.12 4.00 7.14
C GLU B 375 36.90 3.82 8.65
N ILE B 376 36.36 2.68 9.07
CA ILE B 376 36.02 2.46 10.47
C ILE B 376 36.99 1.52 11.17
N LEU B 377 37.23 0.33 10.63
CA LEU B 377 38.23 -0.57 11.19
C LEU B 377 39.57 -0.45 10.50
N HIS B 378 40.63 -0.31 11.29
CA HIS B 378 41.98 -0.03 10.80
C HIS B 378 42.89 -1.23 11.07
N GLY B 379 42.87 -2.21 10.17
CA GLY B 379 43.63 -3.44 10.32
C GLY B 379 43.48 -4.26 11.59
N LEU B 380 42.25 -4.57 11.96
CA LEU B 380 41.96 -5.31 13.18
C LEU B 380 42.24 -6.79 12.96
N SER B 381 43.12 -7.39 13.78
CA SER B 381 43.42 -8.82 13.74
C SER B 381 43.30 -9.43 15.13
N PHE B 382 42.63 -10.58 15.24
CA PHE B 382 42.66 -11.28 16.53
C PHE B 382 42.23 -12.72 16.35
N GLU B 383 42.56 -13.55 17.35
CA GLU B 383 42.24 -14.97 17.34
C GLU B 383 41.45 -15.33 18.59
N VAL B 384 40.31 -15.97 18.40
CA VAL B 384 39.51 -16.50 19.50
C VAL B 384 39.59 -18.03 19.46
N ALA B 385 40.23 -18.58 20.49
CA ALA B 385 40.45 -20.01 20.63
C ALA B 385 39.14 -20.74 20.87
N ALA B 386 39.05 -21.96 20.34
CA ALA B 386 37.85 -22.76 20.48
C ALA B 386 37.58 -23.10 21.94
N GLY B 387 36.34 -22.84 22.39
CA GLY B 387 35.92 -23.16 23.74
C GLY B 387 36.19 -22.09 24.78
N SER B 388 36.82 -20.99 24.41
CA SER B 388 37.13 -19.92 25.35
C SER B 388 35.92 -18.99 25.52
N ARG B 389 35.93 -18.25 26.63
CA ARG B 389 34.94 -17.22 26.90
C ARG B 389 35.57 -15.84 26.78
N VAL B 390 35.20 -15.13 25.72
CA VAL B 390 35.83 -13.85 25.43
C VAL B 390 34.76 -12.77 25.51
N ALA B 391 35.19 -11.57 25.88
CA ALA B 391 34.33 -10.40 25.91
C ALA B 391 34.91 -9.34 25.00
N ILE B 392 34.05 -8.55 24.39
CA ILE B 392 34.45 -7.41 23.57
C ILE B 392 33.81 -6.16 24.16
N VAL B 393 34.62 -5.18 24.57
CA VAL B 393 34.08 -4.00 25.20
C VAL B 393 34.70 -2.77 24.54
N GLY B 394 34.05 -1.62 24.72
CA GLY B 394 34.55 -0.34 24.28
C GLY B 394 33.54 0.73 24.65
N PRO B 395 33.93 2.00 24.61
CA PRO B 395 32.93 3.07 24.75
C PRO B 395 32.11 3.23 23.47
N SER B 396 31.27 4.26 23.50
CA SER B 396 30.24 4.44 22.49
C SER B 396 30.88 4.60 21.11
N GLY B 397 30.05 4.57 20.07
CA GLY B 397 30.54 4.72 18.70
C GLY B 397 31.71 3.86 18.29
N ALA B 398 32.07 2.87 19.08
CA ALA B 398 33.32 2.14 18.93
C ALA B 398 33.29 1.41 17.60
N GLY B 399 32.08 1.01 17.22
CA GLY B 399 31.84 0.20 16.05
C GLY B 399 31.91 -1.28 16.35
N LYS B 400 31.83 -1.66 17.63
CA LYS B 400 31.91 -3.06 17.99
C LYS B 400 30.69 -3.80 17.47
N SER B 401 29.57 -3.09 17.31
CA SER B 401 28.37 -3.67 16.73
C SER B 401 28.55 -4.00 15.25
N THR B 402 29.61 -3.52 14.60
CA THR B 402 29.83 -3.93 13.22
C THR B 402 30.36 -5.35 13.16
N ILE B 403 31.06 -5.79 14.21
CA ILE B 403 31.81 -7.03 14.13
C ILE B 403 30.87 -8.15 13.73
N ALA B 404 29.77 -8.26 14.48
CA ALA B 404 28.76 -9.29 14.27
C ALA B 404 28.23 -9.24 12.85
N ARG B 405 27.92 -8.03 12.36
CA ARG B 405 27.35 -7.90 11.03
C ARG B 405 28.34 -8.35 9.98
N LEU B 406 29.63 -8.18 10.28
CA LEU B 406 30.68 -8.63 9.38
C LEU B 406 30.80 -10.14 9.42
N LEU B 407 30.63 -10.71 10.61
CA LEU B 407 30.80 -12.15 10.80
C LEU B 407 29.72 -12.92 10.05
N PHE B 408 28.52 -12.38 9.97
CA PHE B 408 27.43 -13.00 9.24
C PHE B 408 27.50 -12.72 7.74
N ARG B 409 28.55 -12.03 7.30
CA ARG B 409 28.76 -11.69 5.90
C ARG B 409 27.58 -10.92 5.31
N PHE B 410 27.07 -9.97 6.09
CA PHE B 410 26.14 -9.00 5.53
C PHE B 410 26.84 -8.09 4.53
N TYR B 411 28.16 -7.91 4.68
CA TYR B 411 28.99 -7.15 3.76
C TYR B 411 30.31 -7.89 3.59
N ASP B 412 31.06 -7.52 2.53
CA ASP B 412 32.37 -8.16 2.50
C ASP B 412 33.47 -7.20 2.92
N PRO B 413 34.56 -7.74 3.47
CA PRO B 413 35.75 -6.91 3.72
C PRO B 413 36.35 -6.37 2.44
N TRP B 414 36.86 -5.14 2.50
CA TRP B 414 37.67 -4.63 1.40
C TRP B 414 38.96 -5.43 1.24
N GLU B 415 39.65 -5.71 2.34
CA GLU B 415 40.85 -6.54 2.36
C GLU B 415 40.88 -7.44 3.58
N GLY B 416 41.64 -8.53 3.46
CA GLY B 416 41.81 -9.48 4.53
C GLY B 416 40.70 -10.49 4.61
N ARG B 417 40.70 -11.28 5.67
CA ARG B 417 39.72 -12.36 5.67
C ARG B 417 39.42 -12.83 7.08
N ILE B 418 38.27 -13.49 7.21
CA ILE B 418 37.84 -14.12 8.45
C ILE B 418 37.79 -15.61 8.20
N LEU B 419 38.37 -16.39 9.10
CA LEU B 419 38.29 -17.84 8.96
C LEU B 419 37.63 -18.45 10.19
N ILE B 420 36.86 -19.51 9.96
CA ILE B 420 36.39 -20.39 11.03
C ILE B 420 36.88 -21.80 10.75
N ASP B 421 37.46 -22.44 11.76
CA ASP B 421 38.19 -23.70 11.60
C ASP B 421 39.29 -23.60 10.53
N GLY B 422 39.60 -22.38 10.10
CA GLY B 422 40.59 -22.11 9.09
C GLY B 422 40.09 -21.84 7.70
N GLN B 423 38.78 -21.72 7.49
CA GLN B 423 38.18 -21.76 6.16
C GLN B 423 37.72 -20.36 5.82
N ASP B 424 38.06 -19.89 4.62
CA ASP B 424 37.62 -18.57 4.19
C ASP B 424 36.10 -18.53 4.06
N ILE B 425 35.47 -17.64 4.83
CA ILE B 425 34.01 -17.58 4.85
C ILE B 425 33.44 -17.05 3.54
N ALA B 426 34.28 -16.42 2.72
CA ALA B 426 33.84 -15.94 1.41
C ALA B 426 33.66 -17.08 0.41
N HIS B 427 34.23 -18.25 0.68
CA HIS B 427 34.21 -19.37 -0.24
C HIS B 427 33.27 -20.50 0.16
N VAL B 428 32.49 -20.34 1.22
CA VAL B 428 31.54 -21.37 1.61
C VAL B 428 30.12 -20.89 1.31
N THR B 429 29.17 -21.82 1.33
CA THR B 429 27.75 -21.50 1.14
C THR B 429 27.21 -20.64 2.27
N GLN B 430 26.42 -19.63 1.91
CA GLN B 430 25.85 -18.73 2.92
C GLN B 430 24.96 -19.46 3.92
N THR B 431 24.24 -20.49 3.48
CA THR B 431 23.31 -21.16 4.39
C THR B 431 24.00 -21.94 5.49
N SER B 432 25.06 -22.68 5.16
CA SER B 432 25.73 -23.45 6.21
C SER B 432 26.37 -22.51 7.23
N LEU B 433 26.95 -21.42 6.73
CA LEU B 433 27.58 -20.44 7.61
C LEU B 433 26.56 -19.85 8.57
N ARG B 434 25.43 -19.38 8.05
CA ARG B 434 24.50 -18.76 8.99
C ARG B 434 23.84 -19.80 9.88
N ALA B 435 23.74 -21.04 9.42
CA ALA B 435 23.23 -22.12 10.26
C ALA B 435 24.12 -22.40 11.46
N ALA B 436 25.43 -22.20 11.33
CA ALA B 436 26.29 -22.43 12.49
C ALA B 436 26.35 -21.29 13.52
N LEU B 437 25.69 -20.16 13.30
CA LEU B 437 25.84 -19.00 14.17
C LEU B 437 24.51 -18.58 14.81
N GLY B 438 24.53 -18.27 16.11
CA GLY B 438 23.38 -17.69 16.77
C GLY B 438 23.73 -16.29 17.27
N ILE B 439 22.72 -15.42 17.25
CA ILE B 439 22.86 -14.02 17.64
C ILE B 439 21.67 -13.57 18.46
N VAL B 440 21.93 -12.80 19.52
CA VAL B 440 20.90 -12.04 20.22
C VAL B 440 21.20 -10.57 20.02
N PRO B 441 20.48 -9.90 19.12
CA PRO B 441 20.77 -8.50 18.79
C PRO B 441 20.25 -7.49 19.82
N GLN B 442 20.74 -6.25 19.68
CA GLN B 442 20.39 -5.20 20.62
C GLN B 442 18.89 -4.88 20.59
N ASP B 443 18.35 -4.63 19.40
CA ASP B 443 16.93 -4.36 19.22
C ASP B 443 16.26 -5.58 18.61
N SER B 444 15.44 -6.26 19.39
CA SER B 444 14.81 -7.49 18.94
C SER B 444 13.40 -7.25 18.44
N VAL B 445 13.05 -7.90 17.33
CA VAL B 445 11.82 -7.65 16.60
C VAL B 445 10.92 -8.86 16.84
N LEU B 446 9.63 -8.61 17.09
CA LEU B 446 8.64 -9.66 17.24
C LEU B 446 7.64 -9.69 16.08
N PHE B 447 7.31 -10.89 15.64
CA PHE B 447 6.25 -11.02 14.66
C PHE B 447 4.90 -10.76 15.32
N ASN B 448 3.92 -10.38 14.50
CA ASN B 448 2.56 -10.12 14.96
C ASN B 448 1.81 -11.43 15.15
N ASP B 449 1.95 -12.02 16.32
CA ASP B 449 1.39 -13.33 16.60
C ASP B 449 1.55 -13.61 18.09
N THR B 450 1.31 -14.86 18.49
CA THR B 450 1.35 -15.22 19.88
C THR B 450 2.79 -15.41 20.37
N ILE B 451 2.94 -15.38 21.69
CA ILE B 451 4.24 -15.62 22.32
C ILE B 451 4.75 -17.03 22.00
N GLY B 452 3.85 -18.01 21.99
CA GLY B 452 4.28 -19.35 21.67
C GLY B 452 4.82 -19.50 20.27
N TYR B 453 4.15 -18.87 19.30
CA TYR B 453 4.66 -18.91 17.93
C TYR B 453 6.05 -18.29 17.83
N ASN B 454 6.23 -17.14 18.49
CA ASN B 454 7.51 -16.44 18.47
C ASN B 454 8.63 -17.26 19.11
N ILE B 455 8.33 -17.99 20.17
CA ILE B 455 9.39 -18.84 20.73
C ILE B 455 9.62 -20.06 19.85
N ALA B 456 8.57 -20.69 19.35
CA ALA B 456 8.77 -21.92 18.62
C ALA B 456 9.46 -21.66 17.28
N TYR B 457 9.43 -20.41 16.82
CA TYR B 457 10.03 -20.03 15.56
C TYR B 457 11.51 -20.34 15.45
N GLY B 458 12.23 -20.52 16.57
CA GLY B 458 13.66 -20.73 16.46
C GLY B 458 14.05 -21.97 15.68
N ARG B 459 13.32 -23.07 15.84
CA ARG B 459 13.61 -24.21 14.99
C ARG B 459 12.33 -24.83 14.45
N ASP B 460 12.40 -25.31 13.22
CA ASP B 460 11.21 -25.79 12.53
C ASP B 460 10.58 -26.95 13.29
N GLY B 461 9.25 -26.99 13.33
CA GLY B 461 8.58 -28.04 14.08
C GLY B 461 8.83 -28.11 15.57
N ALA B 462 9.11 -27.00 16.22
CA ALA B 462 9.58 -27.04 17.61
C ALA B 462 8.55 -27.74 18.48
N SER B 463 9.02 -28.65 19.33
CA SER B 463 8.12 -29.41 20.20
C SER B 463 7.80 -28.63 21.47
N ARG B 464 6.78 -29.12 22.18
CA ARG B 464 6.42 -28.55 23.48
C ARG B 464 7.51 -28.71 24.54
N ALA B 465 8.29 -29.78 24.48
CA ALA B 465 9.35 -29.95 25.48
C ALA B 465 10.43 -28.90 25.33
N GLU B 466 10.85 -28.61 24.10
CA GLU B 466 11.88 -27.60 23.89
C GLU B 466 11.44 -26.22 24.34
N VAL B 467 10.19 -25.83 24.03
CA VAL B 467 9.72 -24.53 24.48
C VAL B 467 9.64 -24.48 26.00
N ASP B 468 9.17 -25.56 26.63
CA ASP B 468 9.12 -25.55 28.10
C ASP B 468 10.51 -25.40 28.69
N ALA B 469 11.49 -26.12 28.16
CA ALA B 469 12.86 -26.03 28.65
C ALA B 469 13.42 -24.63 28.47
N ALA B 470 13.18 -24.03 27.30
CA ALA B 470 13.69 -22.69 27.04
C ALA B 470 13.03 -21.66 27.94
N ALA B 471 11.70 -21.71 28.08
CA ALA B 471 11.02 -20.77 28.94
C ALA B 471 11.49 -20.91 30.39
N LYS B 472 11.83 -22.12 30.81
CA LYS B 472 12.39 -22.29 32.15
C LYS B 472 13.76 -21.63 32.23
N GLY B 473 14.63 -21.94 31.27
CA GLY B 473 15.97 -21.38 31.23
C GLY B 473 15.98 -19.86 31.13
N ALA B 474 14.94 -19.28 30.56
CA ALA B 474 14.85 -17.83 30.42
C ALA B 474 14.21 -17.16 31.63
N ALA B 475 13.73 -17.92 32.61
CA ALA B 475 13.10 -17.37 33.81
C ALA B 475 11.89 -16.50 33.48
N ILE B 476 11.06 -16.95 32.53
CA ILE B 476 9.81 -16.28 32.22
C ILE B 476 8.61 -17.15 32.52
N ALA B 477 8.81 -18.36 33.05
CA ALA B 477 7.69 -19.28 33.25
C ALA B 477 6.66 -18.72 34.20
N ASP B 478 7.09 -18.11 35.30
CA ASP B 478 6.11 -17.58 36.25
C ASP B 478 5.30 -16.46 35.62
N PHE B 479 5.96 -15.56 34.91
CA PHE B 479 5.26 -14.43 34.30
C PHE B 479 4.20 -14.91 33.33
N ILE B 480 4.53 -15.89 32.48
CA ILE B 480 3.54 -16.41 31.55
C ILE B 480 2.43 -17.15 32.28
N ALA B 481 2.78 -17.87 33.35
CA ALA B 481 1.77 -18.59 34.11
C ALA B 481 0.74 -17.64 34.70
N ARG B 482 1.18 -16.48 35.16
CA ARG B 482 0.25 -15.50 35.71
C ARG B 482 -0.55 -14.75 34.66
N LEU B 483 -0.25 -14.91 33.37
CA LEU B 483 -1.11 -14.31 32.35
C LEU B 483 -2.35 -15.17 32.11
N PRO B 484 -3.52 -14.53 31.95
CA PRO B 484 -4.76 -15.30 31.74
C PRO B 484 -4.77 -16.22 30.53
N GLN B 485 -4.36 -15.74 29.35
CA GLN B 485 -4.34 -16.54 28.15
C GLN B 485 -3.04 -17.31 27.92
N GLY B 486 -2.07 -17.19 28.81
CA GLY B 486 -0.83 -17.95 28.70
C GLY B 486 -0.08 -17.77 27.39
N TYR B 487 0.23 -18.90 26.75
CA TYR B 487 0.94 -18.91 25.46
C TYR B 487 0.17 -18.29 24.31
N ASP B 488 -1.13 -18.09 24.46
CA ASP B 488 -1.97 -17.51 23.44
C ASP B 488 -2.11 -16.00 23.56
N THR B 489 -1.37 -15.38 24.46
CA THR B 489 -1.38 -13.93 24.58
C THR B 489 -0.86 -13.22 23.33
N GLU B 490 -1.69 -12.31 22.85
CA GLU B 490 -1.40 -11.42 21.73
C GLU B 490 -0.42 -10.35 22.21
N VAL B 491 0.52 -9.96 21.34
CA VAL B 491 1.45 -8.93 21.81
C VAL B 491 1.61 -7.73 20.90
N GLY B 492 0.67 -7.51 19.99
CA GLY B 492 0.86 -6.45 19.02
C GLY B 492 1.67 -6.79 17.79
N GLU B 493 2.27 -5.74 17.24
CA GLU B 493 3.27 -5.82 16.19
C GLU B 493 4.52 -5.09 16.66
N ARG B 494 5.67 -5.62 16.23
CA ARG B 494 6.96 -5.31 16.83
C ARG B 494 6.92 -5.45 18.35
N GLY B 495 6.07 -6.34 18.84
CA GLY B 495 5.93 -6.58 20.28
C GLY B 495 5.81 -5.34 21.14
N LEU B 496 5.28 -4.26 20.58
CA LEU B 496 5.12 -3.02 21.34
C LEU B 496 4.22 -3.16 22.57
N LYS B 497 3.67 -4.35 22.84
CA LYS B 497 2.77 -4.51 23.98
C LYS B 497 3.50 -5.07 25.20
N LEU B 498 4.73 -5.52 25.03
CA LEU B 498 5.52 -6.19 26.06
C LEU B 498 6.54 -5.20 26.61
N SER B 499 6.95 -5.40 27.86
CA SER B 499 8.04 -4.61 28.38
C SER B 499 9.35 -4.98 27.72
N GLY B 500 10.37 -4.15 27.95
CA GLY B 500 11.68 -4.40 27.38
C GLY B 500 12.30 -5.70 27.87
N GLY B 501 12.17 -5.96 29.17
CA GLY B 501 12.72 -7.20 29.72
C GLY B 501 12.05 -8.42 29.14
N GLU B 502 10.74 -8.34 28.94
CA GLU B 502 10.00 -9.44 28.34
C GLU B 502 10.48 -9.71 26.91
N LYS B 503 10.65 -8.64 26.12
CA LYS B 503 11.13 -8.80 24.76
C LYS B 503 12.53 -9.41 24.73
N GLN B 504 13.42 -8.92 25.59
CA GLN B 504 14.78 -9.46 25.61
C GLN B 504 14.78 -10.92 26.04
N ARG B 505 13.88 -11.28 26.95
CA ARG B 505 13.75 -12.67 27.37
C ARG B 505 13.24 -13.55 26.24
N VAL B 506 12.28 -13.07 25.47
CA VAL B 506 11.81 -13.82 24.30
C VAL B 506 12.95 -14.04 23.31
N ALA B 507 13.79 -13.01 23.12
CA ALA B 507 14.93 -13.15 22.22
C ALA B 507 15.90 -14.22 22.71
N ILE B 508 16.21 -14.18 24.00
CA ILE B 508 17.06 -15.19 24.60
C ILE B 508 16.46 -16.57 24.40
N ALA B 509 15.16 -16.71 24.60
CA ALA B 509 14.54 -18.02 24.44
C ALA B 509 14.67 -18.52 23.01
N ARG B 510 14.47 -17.63 22.03
CA ARG B 510 14.63 -18.05 20.64
C ARG B 510 16.02 -18.60 20.38
N THR B 511 17.03 -17.86 20.82
CA THR B 511 18.40 -18.35 20.60
C THR B 511 18.68 -19.63 21.35
N LEU B 512 18.08 -19.83 22.52
CA LEU B 512 18.25 -21.10 23.21
C LEU B 512 17.63 -22.25 22.43
N VAL B 513 16.47 -21.99 21.82
CA VAL B 513 15.79 -22.96 20.98
C VAL B 513 16.63 -23.35 19.76
N LYS B 514 17.29 -22.38 19.13
CA LYS B 514 18.18 -22.71 18.01
C LYS B 514 19.31 -23.67 18.41
N ASN B 515 19.86 -23.51 19.61
CA ASN B 515 20.99 -24.32 20.05
C ASN B 515 22.19 -24.29 19.10
N PRO B 516 22.73 -23.12 18.79
CA PRO B 516 23.82 -23.02 17.82
C PRO B 516 25.16 -23.29 18.47
N PRO B 517 26.12 -23.85 17.73
CA PRO B 517 27.45 -24.07 18.32
C PRO B 517 28.19 -22.79 18.69
N ILE B 518 27.95 -21.68 18.00
CA ILE B 518 28.63 -20.42 18.28
C ILE B 518 27.56 -19.41 18.66
N LEU B 519 27.74 -18.72 19.79
CA LEU B 519 26.67 -17.81 20.22
C LEU B 519 27.18 -16.42 20.56
N LEU B 520 26.47 -15.41 20.05
CA LEU B 520 26.84 -14.00 20.24
C LEU B 520 25.73 -13.34 21.04
N PHE B 521 26.08 -12.76 22.19
CA PHE B 521 25.19 -11.90 22.96
C PHE B 521 25.53 -10.43 22.76
N ASP B 522 24.66 -9.68 22.09
CA ASP B 522 24.99 -8.31 21.68
C ASP B 522 24.21 -7.37 22.61
N GLU B 523 24.82 -7.05 23.74
CA GLU B 523 24.18 -6.29 24.83
C GLU B 523 22.87 -6.94 25.26
N ALA B 524 22.88 -8.27 25.36
CA ALA B 524 21.64 -9.01 25.58
C ALA B 524 20.97 -8.63 26.89
N THR B 525 21.73 -8.31 27.92
CA THR B 525 21.19 -8.01 29.24
C THR B 525 21.19 -6.51 29.51
N SER B 526 20.15 -5.82 29.04
CA SER B 526 20.20 -4.36 29.12
C SER B 526 18.92 -3.81 29.74
N ALA B 527 17.80 -4.50 29.58
CA ALA B 527 16.52 -4.03 30.08
C ALA B 527 16.08 -4.71 31.36
N LEU B 528 16.91 -5.57 31.95
CA LEU B 528 16.50 -6.35 33.10
C LEU B 528 16.97 -5.76 34.42
N ASP B 529 16.24 -6.09 35.48
CA ASP B 529 16.63 -5.77 36.84
C ASP B 529 17.79 -6.66 37.27
N THR B 530 18.33 -6.33 38.45
CA THR B 530 19.53 -7.00 38.93
C THR B 530 19.31 -8.50 39.17
N ARG B 531 18.24 -8.85 39.87
CA ARG B 531 18.01 -10.26 40.19
C ARG B 531 17.77 -11.11 38.94
N THR B 532 16.95 -10.60 38.01
CA THR B 532 16.73 -11.30 36.75
C THR B 532 18.04 -11.46 35.99
N GLU B 533 18.86 -10.41 36.01
CA GLU B 533 20.14 -10.44 35.34
C GLU B 533 21.02 -11.54 35.90
N GLN B 534 21.16 -11.60 37.23
CA GLN B 534 22.02 -12.61 37.82
C GLN B 534 21.51 -14.01 37.50
N ASP B 535 20.19 -14.17 37.47
CA ASP B 535 19.63 -15.49 37.13
C ASP B 535 20.03 -15.88 35.71
N ILE B 536 19.75 -15.00 34.74
CA ILE B 536 20.01 -15.45 33.38
C ILE B 536 21.50 -15.59 33.17
N LEU B 537 22.31 -14.81 33.90
CA LEU B 537 23.76 -14.92 33.78
C LEU B 537 24.22 -16.31 34.21
N SER B 538 23.58 -16.85 35.25
CA SER B 538 23.88 -18.21 35.68
C SER B 538 23.45 -19.24 34.65
N THR B 539 22.29 -19.05 34.04
CA THR B 539 21.87 -19.97 33.00
C THR B 539 22.85 -19.95 31.82
N MET B 540 23.28 -18.75 31.41
CA MET B 540 24.24 -18.65 30.31
C MET B 540 25.53 -19.36 30.66
N ARG B 541 26.06 -19.11 31.86
CA ARG B 541 27.29 -19.77 32.27
C ARG B 541 27.15 -21.28 32.20
N ALA B 542 26.02 -21.82 32.68
CA ALA B 542 25.85 -23.28 32.63
C ALA B 542 25.76 -23.79 31.20
N VAL B 543 25.01 -23.08 30.34
CA VAL B 543 24.76 -23.48 28.95
C VAL B 543 25.97 -23.30 28.05
N ALA B 544 27.03 -22.65 28.53
CA ALA B 544 28.20 -22.35 27.73
C ALA B 544 29.26 -23.45 27.69
N SER B 545 28.93 -24.66 28.17
CA SER B 545 29.96 -25.64 28.53
C SER B 545 30.94 -25.92 27.40
N HIS B 546 30.46 -26.31 26.21
CA HIS B 546 31.40 -26.63 25.14
C HIS B 546 31.19 -25.79 23.87
N ARG B 547 30.70 -24.56 24.00
CA ARG B 547 30.56 -23.72 22.83
C ARG B 547 31.50 -22.52 22.95
N THR B 548 31.77 -21.88 21.82
CA THR B 548 32.36 -20.54 21.82
C THR B 548 31.28 -19.47 22.04
N THR B 549 31.45 -18.66 23.07
CA THR B 549 30.47 -17.65 23.47
C THR B 549 31.16 -16.29 23.44
N ILE B 550 30.58 -15.34 22.69
CA ILE B 550 31.11 -13.98 22.65
C ILE B 550 30.05 -13.05 23.23
N SER B 551 30.38 -12.38 24.32
CA SER B 551 29.45 -11.48 25.01
C SER B 551 29.94 -10.04 24.91
N ILE B 552 29.12 -9.17 24.34
CA ILE B 552 29.42 -7.75 24.24
C ILE B 552 28.58 -7.03 25.29
N ALA B 553 29.23 -6.44 26.30
CA ALA B 553 28.49 -5.88 27.42
C ALA B 553 29.00 -4.49 27.78
N HIS B 554 28.07 -3.61 28.14
CA HIS B 554 28.39 -2.29 28.66
C HIS B 554 28.81 -2.30 30.12
N ARG B 555 28.14 -3.09 30.96
CA ARG B 555 28.38 -3.07 32.39
C ARG B 555 29.40 -4.14 32.74
N LEU B 556 30.58 -3.68 33.17
CA LEU B 556 31.76 -4.52 33.28
C LEU B 556 31.62 -5.65 34.30
N SER B 557 30.89 -5.42 35.39
CA SER B 557 30.81 -6.44 36.43
C SER B 557 30.23 -7.75 35.91
N THR B 558 29.35 -7.68 34.93
CA THR B 558 28.73 -8.86 34.36
C THR B 558 29.69 -9.72 33.54
N ILE B 559 30.86 -9.22 33.18
CA ILE B 559 31.80 -10.00 32.38
C ILE B 559 33.17 -10.15 33.02
N ALA B 560 33.33 -9.80 34.29
CA ALA B 560 34.66 -9.83 34.88
C ALA B 560 35.26 -11.23 34.95
N ASP B 561 34.44 -12.28 34.91
CA ASP B 561 34.96 -13.64 35.00
C ASP B 561 35.31 -14.27 33.65
N SER B 562 35.32 -13.48 32.58
CA SER B 562 35.57 -14.04 31.25
C SER B 562 37.01 -14.56 31.15
N ASP B 563 37.21 -15.53 30.24
CA ASP B 563 38.57 -15.99 29.97
C ASP B 563 39.45 -14.85 29.46
N THR B 564 38.96 -14.09 28.49
CA THR B 564 39.76 -12.94 28.07
C THR B 564 38.86 -11.81 27.58
N ILE B 565 39.34 -10.58 27.69
CA ILE B 565 38.56 -9.41 27.30
C ILE B 565 39.35 -8.55 26.32
N LEU B 566 38.74 -8.24 25.18
CA LEU B 566 39.28 -7.36 24.15
C LEU B 566 38.68 -5.96 24.27
N VAL B 567 39.52 -4.93 24.42
CA VAL B 567 39.00 -3.57 24.54
C VAL B 567 39.31 -2.83 23.24
N LEU B 568 38.25 -2.40 22.56
CA LEU B 568 38.34 -1.66 21.31
C LEU B 568 38.12 -0.18 21.54
N ASP B 569 38.90 0.65 20.85
CA ASP B 569 38.65 2.09 20.82
C ASP B 569 38.86 2.61 19.42
N GLN B 570 37.87 3.33 18.89
CA GLN B 570 37.99 4.01 17.60
C GLN B 570 38.47 3.04 16.54
N GLY B 571 37.85 1.86 16.51
CA GLY B 571 38.16 0.93 15.45
C GLY B 571 39.52 0.28 15.56
N ARG B 572 40.16 0.32 16.72
CA ARG B 572 41.42 -0.39 16.88
C ARG B 572 41.47 -1.10 18.22
N LEU B 573 42.41 -2.04 18.33
CA LEU B 573 42.63 -2.79 19.57
C LEU B 573 43.48 -1.95 20.51
N ALA B 574 42.90 -1.44 21.60
CA ALA B 574 43.78 -0.68 22.48
C ALA B 574 44.59 -1.59 23.39
N GLU B 575 43.92 -2.50 24.10
CA GLU B 575 44.54 -3.32 25.12
C GLU B 575 43.98 -4.75 25.00
N GLN B 576 44.80 -5.72 25.37
CA GLN B 576 44.35 -7.11 25.34
C GLN B 576 44.93 -7.89 26.51
N GLY B 577 44.11 -8.70 27.14
CA GLY B 577 44.56 -9.59 28.18
C GLY B 577 43.45 -9.86 29.18
N SER B 578 43.81 -10.62 30.20
CA SER B 578 42.86 -10.96 31.26
C SER B 578 42.57 -9.74 32.13
N HIS B 579 41.50 -9.86 32.92
CA HIS B 579 41.02 -8.75 33.75
C HIS B 579 42.09 -8.22 34.70
N LEU B 580 42.84 -9.12 35.33
CA LEU B 580 43.89 -8.71 36.25
C LEU B 580 45.04 -8.02 35.52
N ASP B 581 45.44 -8.54 34.35
CA ASP B 581 46.48 -7.88 33.59
C ASP B 581 46.12 -6.44 33.25
N LEU B 582 44.89 -6.22 32.77
CA LEU B 582 44.49 -4.85 32.42
C LEU B 582 44.37 -3.96 33.64
N LEU B 583 43.94 -4.51 34.78
CA LEU B 583 43.91 -3.63 35.96
C LEU B 583 45.34 -3.27 36.37
N ARG B 584 46.29 -4.18 36.20
CA ARG B 584 47.68 -3.86 36.52
C ARG B 584 48.26 -2.84 35.55
N ARG B 585 47.91 -2.95 34.27
CA ARG B 585 48.44 -2.04 33.25
C ARG B 585 48.05 -0.58 33.49
N ASP B 586 47.02 -0.30 34.28
CA ASP B 586 46.60 1.08 34.56
C ASP B 586 46.24 1.85 33.28
N GLY B 587 45.65 1.16 32.32
CA GLY B 587 45.32 1.83 31.07
C GLY B 587 43.86 2.20 30.99
N LEU B 588 43.28 2.06 29.79
CA LEU B 588 41.90 2.50 29.56
C LEU B 588 40.90 1.69 30.38
N TYR B 589 41.08 0.36 30.40
CA TYR B 589 40.15 -0.50 31.13
C TYR B 589 40.12 -0.15 32.61
N ALA B 590 41.30 0.03 33.21
CA ALA B 590 41.36 0.33 34.63
C ALA B 590 40.58 1.60 34.94
N GLU B 591 40.82 2.65 34.14
CA GLU B 591 40.11 3.91 34.34
C GLU B 591 38.61 3.72 34.26
N MET B 592 38.14 3.07 33.19
CA MET B 592 36.71 2.87 33.01
C MET B 592 36.10 2.14 34.20
N TRP B 593 36.72 1.02 34.59
CA TRP B 593 36.17 0.21 35.68
C TRP B 593 36.13 1.02 36.97
N ALA B 594 37.27 1.64 37.34
CA ALA B 594 37.33 2.39 38.58
C ALA B 594 36.24 3.44 38.60
N ARG B 595 36.11 4.18 37.49
CA ARG B 595 35.16 5.28 37.44
C ARG B 595 33.75 4.76 37.67
N GLN B 596 33.41 3.67 37.00
CA GLN B 596 32.06 3.13 37.11
C GLN B 596 31.78 2.64 38.53
N ALA B 597 32.77 2.01 39.16
CA ALA B 597 32.58 1.49 40.51
C ALA B 597 32.23 2.60 41.49
N ALA B 598 32.95 3.72 41.44
CA ALA B 598 32.73 4.82 42.38
C ALA B 598 31.31 5.38 42.27
#